data_6ZZP
#
_entry.id   6ZZP
#
_cell.length_a   68.753
_cell.length_b   111.132
_cell.length_c   137.300
_cell.angle_alpha   90.000
_cell.angle_beta   90.000
_cell.angle_gamma   90.000
#
_symmetry.space_group_name_H-M   'P 21 21 2'
#
loop_
_entity.id
_entity.type
_entity.pdbx_description
1 polymer 'Putative beta-hydroxybutyrate dehydrogenase'
2 non-polymer NICOTINAMIDE-ADENINE-DINUCLEOTIDE
3 non-polymer '3-oxidanylidenepentanoic acid'
4 water water
#
_entity_poly.entity_id   1
_entity_poly.type   'polypeptide(L)'
_entity_poly.pdbx_seq_one_letter_code
;MATQLQQDLTGKVALVTGAASGIGRDIAETYAKAGAAVGIADINLEAAQKTVDAIEAAGGRALAIAMDVTSEAAVNDGVQ
RLVDTFGGIDILVSNAGIQIIDPIHKMAFEDWKKMLAIHLDGAFLTTKAAIQHMYKDDKGGTVIYMGSVHSHEASLFKAP
YVTAKHGLLGLCRVLAKEGAVHNVRSHVICPGFVKTPLVEKQIPQQAAEKGISEESVVNDIMLVNTVDKEFTTVDDIAQL
ALFLAAFPTNVFTGQSIVASHGWFMN
;
_entity_poly.pdbx_strand_id   A,B,C,D
#
# COMPACT_ATOMS: atom_id res chain seq x y z
N ALA A 2 -2.78 -2.28 16.55
CA ALA A 2 -3.79 -1.36 15.98
C ALA A 2 -3.59 -1.28 14.46
N THR A 3 -4.69 -1.30 13.71
CA THR A 3 -4.66 -1.19 12.23
C THR A 3 -5.81 -0.28 11.79
N GLN A 4 -6.05 -0.24 10.48
CA GLN A 4 -7.06 0.66 9.88
C GLN A 4 -7.39 0.11 8.50
N LEU A 5 -8.41 0.64 7.82
CA LEU A 5 -8.77 0.09 6.48
C LEU A 5 -7.76 0.57 5.42
N GLN A 6 -7.43 -0.30 4.46
CA GLN A 6 -6.73 0.11 3.22
CA GLN A 6 -6.72 0.08 3.22
C GLN A 6 -7.78 0.37 2.12
N GLN A 7 -7.71 1.54 1.47
CA GLN A 7 -8.59 1.82 0.30
C GLN A 7 -7.83 2.53 -0.83
N ASP A 8 -6.51 2.51 -0.83
CA ASP A 8 -5.69 3.14 -1.89
C ASP A 8 -5.47 2.15 -3.05
N LEU A 9 -5.87 2.54 -4.26
CA LEU A 9 -5.66 1.75 -5.50
C LEU A 9 -4.73 2.54 -6.44
N THR A 10 -3.98 3.49 -5.90
CA THR A 10 -3.02 4.28 -6.70
C THR A 10 -2.11 3.33 -7.47
N GLY A 11 -1.91 3.58 -8.77
CA GLY A 11 -1.00 2.74 -9.57
C GLY A 11 -1.64 1.43 -10.01
N LYS A 12 -2.89 1.16 -9.63
CA LYS A 12 -3.58 -0.09 -10.06
C LYS A 12 -4.40 0.18 -11.32
N VAL A 13 -4.58 -0.87 -12.11
CA VAL A 13 -5.43 -0.86 -13.33
C VAL A 13 -6.55 -1.88 -13.15
N ALA A 14 -7.79 -1.43 -13.31
CA ALA A 14 -8.98 -2.28 -13.18
C ALA A 14 -9.72 -2.35 -14.51
N LEU A 15 -10.28 -3.52 -14.80
CA LEU A 15 -11.30 -3.69 -15.87
C LEU A 15 -12.63 -4.06 -15.22
N VAL A 16 -13.68 -3.28 -15.47
CA VAL A 16 -15.05 -3.58 -14.97
C VAL A 16 -15.97 -3.83 -16.17
N THR A 17 -16.52 -5.04 -16.32
CA THR A 17 -17.49 -5.30 -17.41
C THR A 17 -18.87 -4.87 -16.93
N GLY A 18 -19.68 -4.34 -17.85
CA GLY A 18 -21.02 -3.85 -17.50
C GLY A 18 -20.95 -2.47 -16.85
N ALA A 19 -19.87 -1.72 -17.03
CA ALA A 19 -19.63 -0.48 -16.24
C ALA A 19 -20.31 0.73 -16.88
N ALA A 20 -21.17 0.54 -17.91
CA ALA A 20 -21.93 1.69 -18.44
C ALA A 20 -23.08 2.06 -17.50
N SER A 21 -23.50 1.14 -16.61
CA SER A 21 -24.78 1.27 -15.86
C SER A 21 -24.64 0.68 -14.45
N GLY A 22 -25.52 1.08 -13.54
CA GLY A 22 -25.87 0.28 -12.35
C GLY A 22 -24.67 -0.04 -11.49
N ILE A 23 -24.60 -1.27 -11.00
CA ILE A 23 -23.57 -1.71 -10.01
C ILE A 23 -22.16 -1.49 -10.60
N GLY A 24 -21.96 -1.86 -11.87
CA GLY A 24 -20.63 -1.76 -12.51
C GLY A 24 -20.18 -0.33 -12.61
N ARG A 25 -21.09 0.56 -12.95
CA ARG A 25 -20.74 1.99 -13.07
C ARG A 25 -20.22 2.51 -11.71
N ASP A 26 -20.91 2.21 -10.60
CA ASP A 26 -20.48 2.71 -9.27
C ASP A 26 -19.13 2.08 -8.92
N ILE A 27 -18.96 0.77 -9.09
CA ILE A 27 -17.64 0.13 -8.81
C ILE A 27 -16.55 0.86 -9.61
N ALA A 28 -16.77 1.14 -10.90
CA ALA A 28 -15.74 1.75 -11.76
C ALA A 28 -15.41 3.16 -11.23
N GLU A 29 -16.44 3.96 -10.95
CA GLU A 29 -16.27 5.36 -10.48
C GLU A 29 -15.57 5.36 -9.10
N THR A 30 -15.88 4.38 -8.25
CA THR A 30 -15.32 4.24 -6.87
C THR A 30 -13.84 3.82 -6.97
N TYR A 31 -13.51 2.89 -7.87
CA TYR A 31 -12.12 2.46 -8.12
C TYR A 31 -11.30 3.65 -8.63
N ALA A 32 -11.85 4.43 -9.58
CA ALA A 32 -11.14 5.60 -10.14
C ALA A 32 -10.90 6.62 -9.03
N LYS A 33 -11.90 6.86 -8.17
CA LYS A 33 -11.76 7.84 -7.06
C LYS A 33 -10.61 7.38 -6.15
N ALA A 34 -10.38 6.08 -6.03
CA ALA A 34 -9.35 5.51 -5.13
C ALA A 34 -7.97 5.52 -5.80
N GLY A 35 -7.90 5.92 -7.08
CA GLY A 35 -6.65 6.14 -7.81
C GLY A 35 -6.37 5.08 -8.87
N ALA A 36 -7.28 4.13 -9.11
CA ALA A 36 -7.07 3.15 -10.19
C ALA A 36 -7.37 3.81 -11.54
N ALA A 37 -6.68 3.35 -12.59
CA ALA A 37 -7.12 3.55 -13.98
C ALA A 37 -8.12 2.44 -14.32
N VAL A 38 -9.27 2.79 -14.90
CA VAL A 38 -10.37 1.82 -15.10
C VAL A 38 -10.73 1.69 -16.58
N GLY A 39 -10.68 0.44 -17.07
CA GLY A 39 -11.35 0.04 -18.30
C GLY A 39 -12.86 -0.10 -18.08
N ILE A 40 -13.65 0.70 -18.79
CA ILE A 40 -15.13 0.64 -18.80
C ILE A 40 -15.58 -0.22 -19.97
N ALA A 41 -15.81 -1.50 -19.73
CA ALA A 41 -16.15 -2.47 -20.78
C ALA A 41 -17.66 -2.69 -20.78
N ASP A 42 -18.27 -2.50 -21.95
CA ASP A 42 -19.73 -2.63 -22.16
C ASP A 42 -20.00 -2.84 -23.64
N ILE A 43 -21.21 -3.26 -24.01
CA ILE A 43 -21.58 -3.56 -25.42
C ILE A 43 -21.38 -2.33 -26.32
N ASN A 44 -21.78 -1.13 -25.90
CA ASN A 44 -21.71 0.10 -26.77
C ASN A 44 -20.57 1.03 -26.31
N LEU A 45 -19.65 1.39 -27.20
CA LEU A 45 -18.54 2.33 -26.89
C LEU A 45 -19.13 3.63 -26.30
N GLU A 46 -20.24 4.17 -26.85
CA GLU A 46 -20.83 5.49 -26.47
C GLU A 46 -21.33 5.46 -25.02
N ALA A 47 -21.99 4.37 -24.61
CA ALA A 47 -22.55 4.21 -23.26
C ALA A 47 -21.39 4.12 -22.24
N ALA A 48 -20.35 3.35 -22.58
CA ALA A 48 -19.13 3.19 -21.75
C ALA A 48 -18.47 4.57 -21.62
N GLN A 49 -18.44 5.35 -22.71
CA GLN A 49 -17.72 6.65 -22.76
C GLN A 49 -18.37 7.62 -21.77
N LYS A 50 -19.69 7.53 -21.55
CA LYS A 50 -20.38 8.39 -20.54
C LYS A 50 -19.81 8.11 -19.14
N THR A 51 -19.58 6.85 -18.76
CA THR A 51 -18.94 6.55 -17.46
C THR A 51 -17.52 7.14 -17.43
N VAL A 52 -16.77 7.01 -18.53
CA VAL A 52 -15.39 7.56 -18.68
C VAL A 52 -15.46 9.09 -18.46
N ASP A 53 -16.44 9.75 -19.06
CA ASP A 53 -16.62 11.23 -18.94
C ASP A 53 -16.79 11.61 -17.47
N ALA A 54 -17.60 10.87 -16.71
CA ALA A 54 -17.87 11.21 -15.28
C ALA A 54 -16.60 10.99 -14.46
N ILE A 55 -15.82 9.94 -14.77
CA ILE A 55 -14.54 9.64 -14.07
C ILE A 55 -13.55 10.77 -14.36
N GLU A 56 -13.47 11.23 -15.61
CA GLU A 56 -12.47 12.26 -16.00
C GLU A 56 -12.86 13.59 -15.36
N ALA A 57 -14.16 13.89 -15.30
CA ALA A 57 -14.68 15.11 -14.63
C ALA A 57 -14.21 15.15 -13.17
N ALA A 58 -14.08 14.00 -12.51
CA ALA A 58 -13.69 13.95 -11.09
C ALA A 58 -12.17 13.86 -10.93
N GLY A 59 -11.41 13.86 -12.03
CA GLY A 59 -9.93 13.87 -12.04
C GLY A 59 -9.33 12.48 -12.17
N GLY A 60 -10.11 11.48 -12.57
CA GLY A 60 -9.64 10.08 -12.69
C GLY A 60 -9.30 9.69 -14.12
N ARG A 61 -8.74 8.49 -14.30
CA ARG A 61 -8.27 7.98 -15.62
C ARG A 61 -9.12 6.77 -15.98
N ALA A 62 -9.70 6.79 -17.17
CA ALA A 62 -10.52 5.66 -17.66
C ALA A 62 -10.47 5.60 -19.18
N LEU A 63 -10.89 4.46 -19.70
CA LEU A 63 -10.89 4.11 -21.13
C LEU A 63 -12.20 3.39 -21.43
N ALA A 64 -12.92 3.83 -22.45
CA ALA A 64 -14.11 3.11 -22.94
C ALA A 64 -13.63 1.95 -23.80
N ILE A 65 -14.16 0.76 -23.53
CA ILE A 65 -13.81 -0.49 -24.27
C ILE A 65 -15.12 -1.13 -24.74
N ALA A 66 -15.33 -1.22 -26.04
CA ALA A 66 -16.48 -1.95 -26.62
C ALA A 66 -16.17 -3.45 -26.50
N MET A 67 -16.93 -4.15 -25.66
CA MET A 67 -16.69 -5.58 -25.34
C MET A 67 -18.01 -6.27 -25.08
N ASP A 68 -18.47 -7.09 -26.03
CA ASP A 68 -19.52 -8.10 -25.79
C ASP A 68 -18.86 -9.32 -25.14
N VAL A 69 -19.08 -9.51 -23.84
CA VAL A 69 -18.27 -10.50 -23.05
C VAL A 69 -18.58 -11.92 -23.53
N THR A 70 -19.53 -12.11 -24.45
CA THR A 70 -19.84 -13.45 -25.01
C THR A 70 -18.82 -13.82 -26.09
N SER A 71 -18.10 -12.82 -26.62
CA SER A 71 -17.17 -12.99 -27.77
C SER A 71 -15.73 -13.16 -27.28
N GLU A 72 -15.10 -14.29 -27.58
CA GLU A 72 -13.68 -14.55 -27.24
C GLU A 72 -12.80 -13.44 -27.84
N ALA A 73 -12.99 -13.07 -29.10
CA ALA A 73 -12.12 -12.09 -29.78
C ALA A 73 -12.33 -10.69 -29.16
N ALA A 74 -13.57 -10.32 -28.84
CA ALA A 74 -13.85 -8.98 -28.26
C ALA A 74 -13.21 -8.90 -26.88
N VAL A 75 -13.34 -9.96 -26.10
CA VAL A 75 -12.75 -9.98 -24.72
C VAL A 75 -11.23 -9.90 -24.79
N ASN A 76 -10.57 -10.79 -25.55
CA ASN A 76 -9.10 -10.79 -25.75
C ASN A 76 -8.64 -9.41 -26.28
N ASP A 77 -9.32 -8.83 -27.28
CA ASP A 77 -8.90 -7.53 -27.86
C ASP A 77 -9.05 -6.42 -26.81
N GLY A 78 -10.15 -6.39 -26.04
CA GLY A 78 -10.37 -5.30 -25.07
C GLY A 78 -9.41 -5.39 -23.91
N VAL A 79 -9.12 -6.60 -23.42
CA VAL A 79 -8.14 -6.77 -22.31
C VAL A 79 -6.77 -6.30 -22.80
N GLN A 80 -6.41 -6.64 -24.05
CA GLN A 80 -5.10 -6.21 -24.62
C GLN A 80 -5.07 -4.67 -24.72
N ARG A 81 -6.16 -4.04 -25.12
CA ARG A 81 -6.19 -2.56 -25.24
C ARG A 81 -5.93 -1.90 -23.88
N LEU A 82 -6.58 -2.38 -22.83
CA LEU A 82 -6.36 -1.85 -21.45
C LEU A 82 -4.89 -2.02 -21.07
N VAL A 83 -4.36 -3.22 -21.23
CA VAL A 83 -2.93 -3.50 -20.90
C VAL A 83 -2.02 -2.58 -21.73
N ASP A 84 -2.29 -2.39 -23.02
CA ASP A 84 -1.42 -1.59 -23.92
C ASP A 84 -1.48 -0.13 -23.48
N THR A 85 -2.62 0.33 -22.95
CA THR A 85 -2.85 1.75 -22.58
C THR A 85 -2.22 2.05 -21.22
N PHE A 86 -2.47 1.23 -20.19
CA PHE A 86 -2.15 1.56 -18.77
C PHE A 86 -1.07 0.63 -18.21
N GLY A 87 -0.61 -0.36 -18.98
CA GLY A 87 0.63 -1.10 -18.72
C GLY A 87 0.39 -2.46 -18.08
N GLY A 88 -0.85 -2.80 -17.74
CA GLY A 88 -1.15 -4.07 -17.05
C GLY A 88 -2.60 -4.15 -16.66
N ILE A 89 -2.98 -5.22 -15.96
CA ILE A 89 -4.32 -5.37 -15.32
C ILE A 89 -4.15 -6.02 -13.93
N ASP A 90 -4.54 -5.30 -12.90
CA ASP A 90 -4.42 -5.72 -11.49
C ASP A 90 -5.75 -6.27 -10.98
N ILE A 91 -6.88 -5.77 -11.49
CA ILE A 91 -8.24 -6.07 -10.95
C ILE A 91 -9.19 -6.34 -12.14
N LEU A 92 -9.84 -7.51 -12.15
CA LEU A 92 -10.99 -7.78 -13.02
C LEU A 92 -12.26 -7.78 -12.16
N VAL A 93 -13.29 -7.03 -12.56
CA VAL A 93 -14.66 -7.25 -12.03
C VAL A 93 -15.55 -7.76 -13.19
N SER A 94 -15.91 -9.04 -13.15
CA SER A 94 -16.81 -9.66 -14.16
C SER A 94 -18.27 -9.47 -13.69
N ASN A 95 -18.93 -8.44 -14.23
CA ASN A 95 -20.19 -7.87 -13.69
C ASN A 95 -21.29 -7.81 -14.77
N ALA A 96 -20.96 -7.77 -16.05
CA ALA A 96 -21.97 -7.69 -17.13
C ALA A 96 -23.05 -8.77 -16.92
N GLY A 97 -24.30 -8.37 -17.05
CA GLY A 97 -25.44 -9.29 -16.88
C GLY A 97 -26.71 -8.73 -17.46
N ILE A 98 -27.63 -9.65 -17.73
CA ILE A 98 -29.05 -9.37 -18.08
C ILE A 98 -29.94 -10.30 -17.27
N GLN A 99 -31.25 -10.02 -17.27
CA GLN A 99 -32.28 -10.91 -16.67
C GLN A 99 -33.31 -11.26 -17.74
N ILE A 100 -33.61 -12.56 -17.91
CA ILE A 100 -34.74 -13.03 -18.75
C ILE A 100 -35.63 -13.90 -17.88
N ILE A 101 -36.89 -13.51 -17.72
CA ILE A 101 -37.82 -14.17 -16.76
C ILE A 101 -38.81 -15.04 -17.54
N ASP A 102 -38.88 -16.32 -17.22
CA ASP A 102 -39.86 -17.27 -17.79
C ASP A 102 -39.72 -18.54 -16.99
N PRO A 103 -40.84 -19.26 -16.71
CA PRO A 103 -40.77 -20.56 -16.06
C PRO A 103 -40.10 -21.55 -17.01
N ILE A 104 -39.46 -22.59 -16.46
CA ILE A 104 -38.66 -23.56 -17.25
C ILE A 104 -39.51 -24.07 -18.41
N HIS A 105 -40.77 -24.43 -18.16
CA HIS A 105 -41.58 -25.15 -19.17
C HIS A 105 -41.92 -24.25 -20.35
N LYS A 106 -41.74 -22.92 -20.24
CA LYS A 106 -42.02 -21.95 -21.32
C LYS A 106 -40.72 -21.35 -21.88
N MET A 107 -39.58 -21.50 -21.20
CA MET A 107 -38.41 -20.66 -21.52
C MET A 107 -37.82 -21.10 -22.87
N ALA A 108 -37.58 -20.14 -23.78
CA ALA A 108 -36.91 -20.44 -25.07
C ALA A 108 -35.48 -20.92 -24.80
N PHE A 109 -35.07 -22.01 -25.45
CA PHE A 109 -33.68 -22.51 -25.40
C PHE A 109 -32.69 -21.39 -25.75
N GLU A 110 -32.99 -20.51 -26.70
CA GLU A 110 -32.02 -19.46 -27.08
CA GLU A 110 -32.09 -19.40 -27.12
C GLU A 110 -31.88 -18.44 -25.94
N ASP A 111 -32.90 -18.26 -25.10
CA ASP A 111 -32.81 -17.35 -23.94
C ASP A 111 -31.94 -18.01 -22.85
N TRP A 112 -32.11 -19.31 -22.62
CA TRP A 112 -31.26 -20.08 -21.68
C TRP A 112 -29.80 -19.90 -22.09
N LYS A 113 -29.50 -20.10 -23.38
CA LYS A 113 -28.11 -20.11 -23.91
C LYS A 113 -27.55 -18.69 -23.81
N LYS A 114 -28.35 -17.68 -24.13
CA LYS A 114 -27.88 -16.27 -24.10
C LYS A 114 -27.52 -15.93 -22.66
N MET A 115 -28.34 -16.37 -21.71
CA MET A 115 -28.10 -16.07 -20.28
C MET A 115 -26.77 -16.71 -19.84
N LEU A 116 -26.58 -18.00 -20.10
CA LEU A 116 -25.31 -18.66 -19.68
C LEU A 116 -24.12 -18.03 -20.42
N ALA A 117 -24.26 -17.61 -21.67
CA ALA A 117 -23.14 -17.01 -22.42
C ALA A 117 -22.68 -15.74 -21.71
N ILE A 118 -23.62 -14.87 -21.36
CA ILE A 118 -23.25 -13.55 -20.80
C ILE A 118 -22.64 -13.74 -19.42
N HIS A 119 -23.31 -14.48 -18.54
CA HIS A 119 -22.92 -14.61 -17.11
C HIS A 119 -21.69 -15.53 -17.01
N LEU A 120 -21.75 -16.72 -17.65
CA LEU A 120 -20.75 -17.79 -17.44
C LEU A 120 -19.64 -17.70 -18.50
N ASP A 121 -19.94 -17.69 -19.82
CA ASP A 121 -18.85 -17.55 -20.81
C ASP A 121 -18.12 -16.21 -20.59
N GLY A 122 -18.85 -15.14 -20.31
CA GLY A 122 -18.26 -13.82 -20.01
C GLY A 122 -17.28 -13.91 -18.86
N ALA A 123 -17.64 -14.64 -17.77
CA ALA A 123 -16.76 -14.82 -16.60
C ALA A 123 -15.52 -15.66 -16.99
N PHE A 124 -15.68 -16.76 -17.71
CA PHE A 124 -14.53 -17.58 -18.16
C PHE A 124 -13.59 -16.74 -19.03
N LEU A 125 -14.13 -16.10 -20.07
CA LEU A 125 -13.32 -15.40 -21.11
C LEU A 125 -12.52 -14.27 -20.48
N THR A 126 -13.14 -13.45 -19.65
CA THR A 126 -12.47 -12.26 -19.04
C THR A 126 -11.46 -12.77 -18.02
N THR A 127 -11.80 -13.81 -17.26
CA THR A 127 -10.86 -14.43 -16.29
C THR A 127 -9.62 -14.89 -17.05
N LYS A 128 -9.80 -15.79 -18.02
CA LYS A 128 -8.66 -16.40 -18.74
C LYS A 128 -7.79 -15.30 -19.35
N ALA A 129 -8.38 -14.29 -19.98
CA ALA A 129 -7.58 -13.22 -20.64
C ALA A 129 -6.83 -12.42 -19.59
N ALA A 130 -7.47 -12.16 -18.44
CA ALA A 130 -6.89 -11.34 -17.34
C ALA A 130 -5.74 -12.11 -16.70
N ILE A 131 -5.90 -13.41 -16.42
CA ILE A 131 -4.86 -14.10 -15.59
C ILE A 131 -3.64 -14.38 -16.47
N GLN A 132 -3.77 -14.39 -17.79
CA GLN A 132 -2.60 -14.49 -18.73
CA GLN A 132 -2.55 -14.58 -18.61
C GLN A 132 -1.59 -13.40 -18.35
N HIS A 133 -2.12 -12.22 -18.07
CA HIS A 133 -1.30 -11.04 -17.69
C HIS A 133 -0.91 -11.16 -16.22
N MET A 134 -1.84 -11.47 -15.32
CA MET A 134 -1.58 -11.46 -13.86
C MET A 134 -0.56 -12.55 -13.51
N TYR A 135 -0.58 -13.67 -14.23
CA TYR A 135 0.31 -14.81 -13.94
C TYR A 135 1.75 -14.46 -14.34
N LYS A 136 1.96 -13.48 -15.22
CA LYS A 136 3.33 -13.08 -15.66
C LYS A 136 4.14 -12.64 -14.45
N ASP A 137 5.32 -13.26 -14.26
CA ASP A 137 6.26 -12.97 -13.15
C ASP A 137 5.52 -13.07 -11.80
N ASP A 138 4.41 -13.79 -11.74
CA ASP A 138 3.59 -13.93 -10.51
C ASP A 138 3.29 -12.54 -9.92
N LYS A 139 3.03 -11.55 -10.75
CA LYS A 139 2.63 -10.18 -10.31
C LYS A 139 1.31 -10.30 -9.53
N GLY A 140 0.37 -11.10 -10.03
CA GLY A 140 -0.90 -11.37 -9.34
C GLY A 140 -1.95 -10.30 -9.56
N GLY A 141 -3.05 -10.42 -8.84
CA GLY A 141 -4.21 -9.56 -9.02
C GLY A 141 -5.44 -10.17 -8.38
N THR A 142 -6.56 -9.44 -8.53
CA THR A 142 -7.87 -9.68 -7.89
C THR A 142 -8.90 -9.89 -9.01
N VAL A 143 -9.63 -11.01 -8.95
CA VAL A 143 -10.82 -11.25 -9.80
C VAL A 143 -12.06 -11.30 -8.89
N ILE A 144 -13.00 -10.38 -9.14
CA ILE A 144 -14.32 -10.31 -8.47
C ILE A 144 -15.42 -10.67 -9.48
N TYR A 145 -16.24 -11.66 -9.15
CA TYR A 145 -17.48 -12.00 -9.89
C TYR A 145 -18.65 -11.35 -9.18
N MET A 146 -19.57 -10.78 -9.96
CA MET A 146 -20.88 -10.33 -9.45
C MET A 146 -21.83 -11.52 -9.46
N GLY A 147 -21.98 -12.16 -8.30
CA GLY A 147 -23.03 -13.15 -8.07
C GLY A 147 -24.32 -12.48 -7.63
N SER A 148 -25.03 -13.13 -6.71
CA SER A 148 -26.36 -12.69 -6.26
C SER A 148 -26.71 -13.49 -5.03
N VAL A 149 -27.75 -13.09 -4.30
CA VAL A 149 -28.39 -14.06 -3.38
C VAL A 149 -28.73 -15.31 -4.22
N HIS A 150 -29.00 -15.13 -5.50
CA HIS A 150 -29.40 -16.22 -6.44
C HIS A 150 -28.18 -17.07 -6.82
N SER A 151 -27.02 -16.84 -6.18
CA SER A 151 -25.86 -17.77 -6.16
C SER A 151 -26.13 -18.91 -5.16
N HIS A 152 -27.01 -18.66 -4.18
CA HIS A 152 -27.16 -19.48 -2.95
C HIS A 152 -28.58 -20.05 -2.80
N GLU A 153 -29.60 -19.37 -3.35
CA GLU A 153 -30.98 -19.89 -3.39
C GLU A 153 -31.68 -19.47 -4.69
N ALA A 154 -32.88 -20.02 -4.90
CA ALA A 154 -33.67 -19.90 -6.14
C ALA A 154 -34.82 -18.91 -5.91
N SER A 155 -35.33 -18.36 -7.01
CA SER A 155 -36.67 -17.71 -7.08
C SER A 155 -37.39 -18.28 -8.30
N LEU A 156 -38.72 -18.24 -8.29
CA LEU A 156 -39.54 -18.64 -9.46
C LEU A 156 -39.03 -17.94 -10.72
N PHE A 157 -39.07 -18.66 -11.85
CA PHE A 157 -39.08 -18.09 -13.22
C PHE A 157 -37.71 -17.52 -13.57
N LYS A 158 -36.66 -17.90 -12.83
CA LYS A 158 -35.29 -17.38 -13.08
C LYS A 158 -34.26 -18.51 -13.23
N ALA A 159 -34.62 -19.62 -13.89
CA ALA A 159 -33.75 -20.82 -13.98
C ALA A 159 -32.34 -20.48 -14.49
N PRO A 160 -32.18 -19.82 -15.66
CA PRO A 160 -30.84 -19.62 -16.20
C PRO A 160 -30.00 -18.67 -15.33
N TYR A 161 -30.65 -17.66 -14.79
CA TYR A 161 -30.01 -16.65 -13.91
C TYR A 161 -29.47 -17.32 -12.65
N VAL A 162 -30.30 -18.15 -12.03
CA VAL A 162 -29.96 -18.82 -10.74
C VAL A 162 -28.88 -19.86 -11.05
N THR A 163 -29.03 -20.58 -12.16
CA THR A 163 -28.01 -21.55 -12.63
C THR A 163 -26.66 -20.82 -12.79
N ALA A 164 -26.67 -19.67 -13.46
CA ALA A 164 -25.42 -18.94 -13.77
C ALA A 164 -24.78 -18.42 -12.48
N LYS A 165 -25.58 -17.82 -11.60
CA LYS A 165 -25.03 -17.17 -10.37
C LYS A 165 -24.52 -18.26 -9.41
N HIS A 166 -25.15 -19.42 -9.37
CA HIS A 166 -24.61 -20.63 -8.68
C HIS A 166 -23.27 -20.99 -9.33
N GLY A 167 -23.25 -21.08 -10.66
CA GLY A 167 -22.02 -21.48 -11.38
C GLY A 167 -20.84 -20.59 -11.05
N LEU A 168 -21.03 -19.27 -10.91
CA LEU A 168 -19.93 -18.32 -10.65
C LEU A 168 -19.24 -18.62 -9.31
N LEU A 169 -19.94 -19.14 -8.31
CA LEU A 169 -19.27 -19.60 -7.08
C LEU A 169 -18.25 -20.69 -7.45
N GLY A 170 -18.66 -21.67 -8.25
CA GLY A 170 -17.77 -22.76 -8.69
C GLY A 170 -16.52 -22.20 -9.37
N LEU A 171 -16.68 -21.31 -10.36
CA LEU A 171 -15.52 -20.76 -11.10
C LEU A 171 -14.60 -20.04 -10.11
N CYS A 172 -15.16 -19.27 -9.19
CA CYS A 172 -14.38 -18.50 -8.20
C CYS A 172 -13.57 -19.46 -7.32
N ARG A 173 -14.16 -20.57 -6.91
CA ARG A 173 -13.51 -21.53 -5.98
C ARG A 173 -12.34 -22.21 -6.71
N VAL A 174 -12.52 -22.58 -7.98
CA VAL A 174 -11.43 -23.18 -8.79
C VAL A 174 -10.30 -22.13 -8.96
N LEU A 175 -10.63 -20.89 -9.29
CA LEU A 175 -9.60 -19.86 -9.52
C LEU A 175 -8.83 -19.60 -8.23
N ALA A 176 -9.48 -19.68 -7.06
CA ALA A 176 -8.78 -19.46 -5.79
C ALA A 176 -7.66 -20.49 -5.64
N LYS A 177 -7.93 -21.75 -5.94
CA LYS A 177 -6.93 -22.85 -5.88
C LYS A 177 -5.84 -22.69 -6.93
N GLU A 178 -6.18 -22.46 -8.19
CA GLU A 178 -5.23 -22.38 -9.35
C GLU A 178 -4.38 -21.12 -9.25
N GLY A 179 -4.97 -20.01 -8.83
CA GLY A 179 -4.32 -18.68 -8.86
C GLY A 179 -3.32 -18.49 -7.74
N ALA A 180 -3.44 -19.24 -6.63
CA ALA A 180 -2.68 -19.00 -5.38
C ALA A 180 -1.17 -18.92 -5.67
N VAL A 181 -0.65 -19.86 -6.46
CA VAL A 181 0.81 -19.95 -6.75
C VAL A 181 1.25 -18.71 -7.55
N HIS A 182 0.31 -17.99 -8.18
CA HIS A 182 0.61 -16.79 -8.98
C HIS A 182 0.13 -15.49 -8.31
N ASN A 183 -0.20 -15.53 -7.02
CA ASN A 183 -0.68 -14.37 -6.24
C ASN A 183 -2.00 -13.84 -6.83
N VAL A 184 -2.84 -14.72 -7.40
CA VAL A 184 -4.19 -14.31 -7.86
C VAL A 184 -5.21 -14.75 -6.81
N ARG A 185 -6.04 -13.81 -6.35
CA ARG A 185 -7.16 -14.07 -5.41
C ARG A 185 -8.49 -13.81 -6.12
N SER A 186 -9.51 -14.57 -5.74
CA SER A 186 -10.84 -14.51 -6.36
C SER A 186 -11.91 -14.26 -5.28
N HIS A 187 -13.02 -13.63 -5.65
CA HIS A 187 -14.15 -13.35 -4.72
C HIS A 187 -15.43 -13.30 -5.53
N VAL A 188 -16.56 -13.60 -4.87
CA VAL A 188 -17.93 -13.38 -5.41
C VAL A 188 -18.66 -12.44 -4.48
N ILE A 189 -19.16 -11.33 -5.01
CA ILE A 189 -20.07 -10.44 -4.26
C ILE A 189 -21.49 -10.87 -4.60
N CYS A 190 -22.35 -11.03 -3.60
CA CYS A 190 -23.72 -11.57 -3.78
C CYS A 190 -24.77 -10.56 -3.31
N PRO A 191 -25.13 -9.54 -4.11
CA PRO A 191 -26.14 -8.57 -3.70
C PRO A 191 -27.53 -9.20 -3.64
N GLY A 192 -28.35 -8.66 -2.76
CA GLY A 192 -29.81 -8.71 -2.87
C GLY A 192 -30.30 -7.76 -3.93
N PHE A 193 -31.60 -7.46 -3.94
CA PHE A 193 -32.17 -6.55 -4.97
C PHE A 193 -31.53 -5.18 -4.80
N VAL A 194 -31.07 -4.59 -5.91
CA VAL A 194 -30.55 -3.20 -6.02
C VAL A 194 -31.38 -2.48 -7.09
N LYS A 195 -31.82 -1.25 -6.84
CA LYS A 195 -32.70 -0.52 -7.79
C LYS A 195 -31.83 0.10 -8.88
N THR A 196 -31.17 -0.73 -9.68
CA THR A 196 -30.58 -0.38 -11.00
C THR A 196 -31.70 -0.42 -12.04
N PRO A 197 -31.43 0.00 -13.28
CA PRO A 197 -32.38 -0.23 -14.38
C PRO A 197 -32.81 -1.70 -14.63
N LEU A 198 -31.96 -2.70 -14.37
CA LEU A 198 -32.30 -4.15 -14.48
C LEU A 198 -33.49 -4.50 -13.56
N VAL A 199 -33.70 -3.74 -12.48
CA VAL A 199 -34.77 -4.01 -11.45
C VAL A 199 -35.93 -3.03 -11.64
N GLU A 200 -35.63 -1.75 -11.82
CA GLU A 200 -36.66 -0.69 -11.99
C GLU A 200 -37.60 -1.04 -13.14
N LYS A 201 -37.12 -1.74 -14.17
CA LYS A 201 -37.93 -2.23 -15.32
C LYS A 201 -38.90 -3.28 -14.79
N GLN A 202 -38.46 -4.15 -13.86
CA GLN A 202 -39.25 -5.31 -13.35
C GLN A 202 -40.46 -4.84 -12.55
N ILE A 203 -40.35 -3.71 -11.83
CA ILE A 203 -41.41 -3.34 -10.85
C ILE A 203 -42.73 -3.07 -11.57
N PRO A 204 -42.81 -2.15 -12.56
CA PRO A 204 -44.10 -1.84 -13.18
C PRO A 204 -44.66 -3.09 -13.86
N GLN A 205 -43.76 -3.86 -14.48
CA GLN A 205 -44.10 -5.04 -15.30
C GLN A 205 -44.83 -6.06 -14.43
N GLN A 206 -44.30 -6.37 -13.25
CA GLN A 206 -44.86 -7.44 -12.39
C GLN A 206 -46.13 -6.90 -11.73
N ALA A 207 -46.23 -5.57 -11.50
CA ALA A 207 -47.43 -4.95 -10.90
C ALA A 207 -48.62 -5.14 -11.85
N ALA A 208 -48.40 -4.90 -13.14
CA ALA A 208 -49.38 -4.96 -14.24
C ALA A 208 -49.82 -6.43 -14.47
N GLU A 209 -48.85 -7.34 -14.58
CA GLU A 209 -49.15 -8.78 -14.76
C GLU A 209 -50.01 -9.30 -13.59
N LYS A 210 -49.67 -8.98 -12.34
CA LYS A 210 -50.29 -9.63 -11.15
C LYS A 210 -51.50 -8.81 -10.70
N GLY A 211 -51.64 -7.58 -11.18
CA GLY A 211 -52.74 -6.68 -10.81
C GLY A 211 -52.63 -6.27 -9.36
N ILE A 212 -51.40 -6.01 -8.89
CA ILE A 212 -51.09 -5.58 -7.49
C ILE A 212 -50.34 -4.25 -7.58
N SER A 213 -50.19 -3.58 -6.44
CA SER A 213 -49.46 -2.28 -6.38
C SER A 213 -47.95 -2.55 -6.55
N GLU A 214 -47.24 -1.56 -7.04
CA GLU A 214 -45.76 -1.60 -7.09
C GLU A 214 -45.23 -1.77 -5.67
N GLU A 215 -45.85 -1.14 -4.65
CA GLU A 215 -45.46 -1.32 -3.23
C GLU A 215 -45.53 -2.83 -2.91
N SER A 216 -46.54 -3.53 -3.39
CA SER A 216 -46.68 -4.98 -3.10
C SER A 216 -45.55 -5.76 -3.79
N VAL A 217 -45.25 -5.46 -5.06
CA VAL A 217 -44.12 -6.08 -5.81
C VAL A 217 -42.85 -5.92 -4.97
N VAL A 218 -42.58 -4.70 -4.49
CA VAL A 218 -41.33 -4.41 -3.74
C VAL A 218 -41.34 -5.16 -2.41
N ASN A 219 -42.42 -5.04 -1.64
CA ASN A 219 -42.45 -5.45 -0.21
C ASN A 219 -42.79 -6.95 -0.10
N ASP A 220 -43.74 -7.45 -0.90
CA ASP A 220 -44.30 -8.82 -0.72
C ASP A 220 -43.61 -9.82 -1.63
N ILE A 221 -42.82 -9.35 -2.61
CA ILE A 221 -42.13 -10.22 -3.58
C ILE A 221 -40.63 -9.96 -3.49
N MET A 222 -40.14 -8.76 -3.77
CA MET A 222 -38.69 -8.54 -3.95
C MET A 222 -37.97 -8.59 -2.59
N LEU A 223 -38.44 -7.84 -1.58
CA LEU A 223 -37.74 -7.67 -0.28
C LEU A 223 -38.36 -8.56 0.80
N VAL A 224 -39.25 -9.48 0.41
CA VAL A 224 -40.07 -10.28 1.37
C VAL A 224 -39.14 -11.06 2.31
N ASN A 225 -37.92 -11.40 1.91
CA ASN A 225 -37.04 -12.24 2.77
C ASN A 225 -35.88 -11.43 3.36
N THR A 226 -35.85 -10.10 3.16
CA THR A 226 -34.99 -9.22 3.97
C THR A 226 -35.58 -9.17 5.38
N VAL A 227 -34.76 -8.81 6.36
CA VAL A 227 -35.21 -8.69 7.77
C VAL A 227 -35.79 -7.28 8.00
N ASP A 228 -35.52 -6.33 7.12
CA ASP A 228 -35.77 -4.88 7.40
C ASP A 228 -36.42 -4.19 6.20
N LYS A 229 -36.82 -4.92 5.17
CA LYS A 229 -37.53 -4.37 3.99
CA LYS A 229 -37.51 -4.39 3.97
C LYS A 229 -36.69 -3.27 3.33
N GLU A 230 -35.37 -3.45 3.21
CA GLU A 230 -34.49 -2.45 2.55
C GLU A 230 -33.86 -3.06 1.29
N PHE A 231 -33.83 -2.28 0.22
CA PHE A 231 -32.95 -2.58 -0.94
C PHE A 231 -31.50 -2.46 -0.47
N THR A 232 -30.67 -3.34 -1.01
CA THR A 232 -29.21 -3.14 -1.17
C THR A 232 -28.98 -1.97 -2.12
N THR A 233 -27.91 -1.21 -1.92
CA THR A 233 -27.62 -0.04 -2.78
C THR A 233 -26.36 -0.28 -3.61
N VAL A 234 -26.22 0.50 -4.68
CA VAL A 234 -24.99 0.49 -5.49
C VAL A 234 -23.81 0.89 -4.58
N ASP A 235 -23.96 1.83 -3.63
CA ASP A 235 -22.81 2.23 -2.75
C ASP A 235 -22.42 1.09 -1.79
N ASP A 236 -23.38 0.31 -1.28
CA ASP A 236 -23.06 -0.91 -0.51
C ASP A 236 -22.07 -1.76 -1.31
N ILE A 237 -22.43 -2.08 -2.55
CA ILE A 237 -21.68 -3.06 -3.38
C ILE A 237 -20.34 -2.43 -3.79
N ALA A 238 -20.28 -1.14 -4.14
CA ALA A 238 -19.01 -0.45 -4.50
C ALA A 238 -18.08 -0.36 -3.29
N GLN A 239 -18.60 -0.15 -2.07
CA GLN A 239 -17.76 -0.14 -0.84
C GLN A 239 -17.18 -1.55 -0.63
N LEU A 240 -18.00 -2.60 -0.72
CA LEU A 240 -17.48 -3.99 -0.58
C LEU A 240 -16.42 -4.28 -1.67
N ALA A 241 -16.68 -3.91 -2.91
CA ALA A 241 -15.74 -4.12 -4.04
C ALA A 241 -14.41 -3.39 -3.77
N LEU A 242 -14.44 -2.18 -3.23
CA LEU A 242 -13.21 -1.40 -2.93
C LEU A 242 -12.48 -2.02 -1.73
N PHE A 243 -13.21 -2.42 -0.68
CA PHE A 243 -12.64 -3.13 0.49
C PHE A 243 -11.89 -4.38 0.00
N LEU A 244 -12.50 -5.15 -0.90
CA LEU A 244 -11.85 -6.40 -1.38
C LEU A 244 -10.67 -6.06 -2.32
N ALA A 245 -10.85 -5.15 -3.29
CA ALA A 245 -9.79 -4.84 -4.28
C ALA A 245 -8.54 -4.31 -3.56
N ALA A 246 -8.74 -3.48 -2.53
CA ALA A 246 -7.65 -2.82 -1.78
C ALA A 246 -7.10 -3.70 -0.65
N PHE A 247 -7.69 -4.85 -0.35
CA PHE A 247 -7.29 -5.58 0.87
C PHE A 247 -5.81 -5.95 0.76
N PRO A 248 -5.01 -5.80 1.83
CA PRO A 248 -3.55 -5.98 1.71
C PRO A 248 -3.05 -7.43 1.65
N THR A 249 -3.92 -8.39 1.97
CA THR A 249 -3.57 -9.84 1.96
C THR A 249 -4.60 -10.60 1.11
N ASN A 250 -4.37 -11.89 0.90
CA ASN A 250 -5.23 -12.77 0.07
C ASN A 250 -6.19 -13.56 0.97
N VAL A 251 -6.47 -13.07 2.18
CA VAL A 251 -7.20 -13.80 3.23
C VAL A 251 -8.63 -14.17 2.77
N PHE A 252 -9.24 -13.40 1.87
CA PHE A 252 -10.63 -13.61 1.39
C PHE A 252 -10.69 -14.44 0.11
N THR A 253 -9.56 -14.93 -0.40
CA THR A 253 -9.53 -15.67 -1.68
C THR A 253 -10.51 -16.86 -1.64
N GLY A 254 -11.33 -16.99 -2.68
CA GLY A 254 -12.30 -18.09 -2.85
C GLY A 254 -13.64 -17.82 -2.15
N GLN A 255 -13.77 -16.72 -1.40
CA GLN A 255 -14.99 -16.48 -0.58
C GLN A 255 -16.08 -15.78 -1.40
N SER A 256 -17.33 -16.06 -1.04
CA SER A 256 -18.52 -15.25 -1.39
C SER A 256 -18.98 -14.51 -0.16
N ILE A 257 -19.38 -13.25 -0.35
CA ILE A 257 -19.93 -12.35 0.71
C ILE A 257 -21.31 -11.88 0.23
N VAL A 258 -22.32 -12.14 1.05
CA VAL A 258 -23.74 -11.81 0.72
C VAL A 258 -24.07 -10.45 1.35
N ALA A 259 -24.61 -9.56 0.54
CA ALA A 259 -24.91 -8.15 0.89
C ALA A 259 -26.39 -7.92 0.58
N SER A 260 -27.27 -8.34 1.47
CA SER A 260 -28.70 -8.62 1.11
C SER A 260 -29.69 -8.23 2.22
N HIS A 261 -29.27 -7.55 3.28
CA HIS A 261 -30.21 -7.14 4.35
C HIS A 261 -30.92 -8.38 4.91
N GLY A 262 -30.17 -9.48 5.01
CA GLY A 262 -30.57 -10.68 5.76
C GLY A 262 -31.32 -11.69 4.92
N TRP A 263 -31.36 -11.48 3.61
CA TRP A 263 -31.96 -12.42 2.64
C TRP A 263 -30.89 -13.44 2.24
N PHE A 264 -31.01 -14.67 2.76
CA PHE A 264 -29.98 -15.74 2.78
C PHE A 264 -28.78 -15.36 3.64
N MET A 265 -28.71 -15.97 4.82
CA MET A 265 -27.65 -15.69 5.81
C MET A 265 -26.56 -16.74 5.67
N ASN A 266 -25.44 -16.35 5.06
CA ASN A 266 -24.37 -17.26 4.57
C ASN A 266 -23.42 -17.59 5.72
N ALA B 2 -20.05 7.81 -7.16
CA ALA B 2 -18.80 7.23 -6.63
C ALA B 2 -18.87 7.22 -5.10
N THR B 3 -18.18 6.30 -4.44
CA THR B 3 -18.18 6.24 -2.96
C THR B 3 -16.78 5.91 -2.49
N GLN B 4 -16.65 5.70 -1.18
CA GLN B 4 -15.38 5.50 -0.44
C GLN B 4 -15.71 4.67 0.82
N LEU B 5 -14.68 4.13 1.48
CA LEU B 5 -14.84 3.29 2.69
C LEU B 5 -15.09 4.20 3.87
N GLN B 6 -15.96 3.78 4.78
CA GLN B 6 -16.21 4.47 6.08
C GLN B 6 -15.46 3.71 7.17
N GLN B 7 -14.75 4.43 8.06
CA GLN B 7 -14.01 3.79 9.18
C GLN B 7 -13.97 4.67 10.42
N ASP B 8 -14.78 5.74 10.49
CA ASP B 8 -14.80 6.65 11.65
C ASP B 8 -15.76 6.12 12.70
N LEU B 9 -15.26 5.82 13.90
CA LEU B 9 -16.10 5.38 15.05
C LEU B 9 -16.10 6.48 16.13
N THR B 10 -15.69 7.72 15.79
CA THR B 10 -15.78 8.85 16.74
C THR B 10 -17.20 8.92 17.30
N GLY B 11 -17.34 9.12 18.61
CA GLY B 11 -18.66 9.19 19.28
C GLY B 11 -19.24 7.82 19.62
N LYS B 12 -18.69 6.72 19.13
CA LYS B 12 -19.24 5.36 19.38
C LYS B 12 -18.55 4.71 20.59
N VAL B 13 -19.25 3.80 21.25
CA VAL B 13 -18.76 3.04 22.44
C VAL B 13 -18.80 1.55 22.09
N ALA B 14 -17.69 0.84 22.23
CA ALA B 14 -17.58 -0.59 21.92
C ALA B 14 -17.21 -1.33 23.17
N LEU B 15 -17.70 -2.56 23.28
CA LEU B 15 -17.29 -3.56 24.30
CA LEU B 15 -17.24 -3.54 24.30
C LEU B 15 -16.70 -4.78 23.59
N VAL B 16 -15.46 -5.10 23.84
CA VAL B 16 -14.82 -6.31 23.26
C VAL B 16 -14.50 -7.26 24.41
N THR B 17 -15.00 -8.49 24.36
CA THR B 17 -14.68 -9.52 25.38
C THR B 17 -13.44 -10.28 24.92
N GLY B 18 -12.64 -10.73 25.88
CA GLY B 18 -11.34 -11.36 25.56
C GLY B 18 -10.38 -10.34 24.97
N ALA B 19 -10.51 -9.06 25.34
CA ALA B 19 -9.78 -7.96 24.67
C ALA B 19 -8.37 -7.75 25.26
N ALA B 20 -7.94 -8.54 26.25
CA ALA B 20 -6.60 -8.42 26.86
C ALA B 20 -5.52 -9.02 25.95
N SER B 21 -5.89 -9.84 24.95
CA SER B 21 -4.94 -10.69 24.19
C SER B 21 -5.39 -10.82 22.73
N GLY B 22 -4.45 -11.15 21.84
CA GLY B 22 -4.73 -11.74 20.51
C GLY B 22 -5.70 -10.93 19.69
N ILE B 23 -6.69 -11.61 19.12
CA ILE B 23 -7.62 -11.00 18.11
C ILE B 23 -8.42 -9.88 18.78
N GLY B 24 -8.95 -10.13 19.97
CA GLY B 24 -9.75 -9.14 20.73
C GLY B 24 -8.96 -7.86 20.95
N ARG B 25 -7.71 -7.99 21.38
CA ARG B 25 -6.84 -6.85 21.67
C ARG B 25 -6.64 -6.04 20.39
N ASP B 26 -6.44 -6.68 19.23
CA ASP B 26 -6.18 -5.90 17.98
C ASP B 26 -7.48 -5.21 17.57
N ILE B 27 -8.63 -5.89 17.70
CA ILE B 27 -9.96 -5.28 17.42
C ILE B 27 -10.15 -4.04 18.31
N ALA B 28 -9.91 -4.17 19.62
CA ALA B 28 -10.08 -3.07 20.60
C ALA B 28 -9.19 -1.88 20.21
N GLU B 29 -7.90 -2.10 20.03
CA GLU B 29 -6.94 -1.01 19.72
CA GLU B 29 -6.90 -1.05 19.68
C GLU B 29 -7.29 -0.37 18.36
N THR B 30 -7.76 -1.17 17.40
CA THR B 30 -8.18 -0.71 16.06
C THR B 30 -9.42 0.19 16.19
N TYR B 31 -10.40 -0.23 17.00
CA TYR B 31 -11.62 0.57 17.27
C TYR B 31 -11.22 1.87 17.97
N ALA B 32 -10.32 1.81 18.97
CA ALA B 32 -9.83 3.01 19.70
C ALA B 32 -9.11 3.96 18.75
N LYS B 33 -8.32 3.43 17.81
CA LYS B 33 -7.61 4.29 16.83
C LYS B 33 -8.64 4.98 15.91
N ALA B 34 -9.74 4.29 15.60
CA ALA B 34 -10.86 4.79 14.77
C ALA B 34 -11.78 5.73 15.55
N GLY B 35 -11.53 5.94 16.85
CA GLY B 35 -12.13 7.03 17.63
C GLY B 35 -13.21 6.53 18.58
N ALA B 36 -13.42 5.21 18.67
CA ALA B 36 -14.40 4.64 19.63
C ALA B 36 -13.81 4.69 21.03
N ALA B 37 -14.66 4.88 22.04
CA ALA B 37 -14.32 4.56 23.44
C ALA B 37 -14.51 3.05 23.63
N VAL B 38 -13.54 2.34 24.17
CA VAL B 38 -13.58 0.84 24.14
C VAL B 38 -13.49 0.28 25.56
N GLY B 39 -14.45 -0.60 25.89
CA GLY B 39 -14.37 -1.49 27.05
C GLY B 39 -13.53 -2.71 26.75
N ILE B 40 -12.44 -2.88 27.50
CA ILE B 40 -11.49 -4.02 27.44
C ILE B 40 -11.96 -5.04 28.47
N ALA B 41 -12.87 -5.93 28.07
CA ALA B 41 -13.52 -6.87 28.99
C ALA B 41 -12.75 -8.19 28.96
N ASP B 42 -12.21 -8.60 30.11
CA ASP B 42 -11.45 -9.86 30.19
C ASP B 42 -11.61 -10.42 31.59
N ILE B 43 -11.41 -11.72 31.72
CA ILE B 43 -11.35 -12.41 33.03
C ILE B 43 -10.03 -12.00 33.70
N ASN B 44 -9.02 -11.65 32.91
CA ASN B 44 -7.69 -11.19 33.39
C ASN B 44 -7.69 -9.67 33.47
N LEU B 45 -8.05 -9.11 34.63
CA LEU B 45 -8.18 -7.64 34.81
C LEU B 45 -6.83 -6.95 34.63
N GLU B 46 -5.75 -7.53 35.12
CA GLU B 46 -4.39 -6.93 35.04
C GLU B 46 -4.01 -6.78 33.56
N ALA B 47 -4.21 -7.84 32.79
CA ALA B 47 -3.88 -7.87 31.35
C ALA B 47 -4.78 -6.83 30.64
N ALA B 48 -6.01 -6.67 31.10
CA ALA B 48 -6.95 -5.71 30.47
C ALA B 48 -6.42 -4.31 30.73
N GLN B 49 -5.93 -4.04 31.95
CA GLN B 49 -5.47 -2.68 32.31
C GLN B 49 -4.20 -2.33 31.50
N LYS B 50 -3.32 -3.30 31.24
CA LYS B 50 -2.13 -3.12 30.37
C LYS B 50 -2.57 -2.73 28.95
N THR B 51 -3.62 -3.35 28.41
CA THR B 51 -4.15 -3.00 27.07
C THR B 51 -4.67 -1.57 27.11
N VAL B 52 -5.46 -1.22 28.13
CA VAL B 52 -6.04 0.14 28.32
C VAL B 52 -4.89 1.15 28.37
N ASP B 53 -3.83 0.86 29.11
CA ASP B 53 -2.70 1.82 29.30
C ASP B 53 -2.07 2.12 27.93
N ALA B 54 -1.83 1.07 27.15
CA ALA B 54 -1.30 1.20 25.77
C ALA B 54 -2.26 2.05 24.91
N ILE B 55 -3.57 1.78 24.94
CA ILE B 55 -4.58 2.53 24.15
C ILE B 55 -4.56 4.01 24.57
N GLU B 56 -4.54 4.30 25.87
CA GLU B 56 -4.56 5.71 26.36
C GLU B 56 -3.26 6.42 25.94
N ALA B 57 -2.12 5.77 26.04
CA ALA B 57 -0.82 6.35 25.66
C ALA B 57 -0.79 6.62 24.15
N ALA B 58 -1.53 5.83 23.37
CA ALA B 58 -1.63 5.97 21.90
C ALA B 58 -2.67 7.03 21.53
N GLY B 59 -3.31 7.64 22.53
CA GLY B 59 -4.21 8.79 22.36
C GLY B 59 -5.68 8.40 22.28
N GLY B 60 -6.03 7.18 22.70
CA GLY B 60 -7.44 6.72 22.70
C GLY B 60 -8.09 6.70 24.08
N ARG B 61 -9.36 6.31 24.11
CA ARG B 61 -10.17 6.19 25.34
C ARG B 61 -10.55 4.71 25.54
N ALA B 62 -10.30 4.18 26.72
CA ALA B 62 -10.59 2.77 27.05
C ALA B 62 -10.82 2.59 28.55
N LEU B 63 -11.44 1.48 28.92
CA LEU B 63 -11.83 1.16 30.32
C LEU B 63 -11.67 -0.34 30.51
N ALA B 64 -10.92 -0.74 31.54
CA ALA B 64 -10.66 -2.14 31.88
C ALA B 64 -11.85 -2.62 32.71
N ILE B 65 -12.44 -3.74 32.29
CA ILE B 65 -13.70 -4.28 32.86
C ILE B 65 -13.42 -5.75 33.19
N ALA B 66 -13.39 -6.08 34.48
CA ALA B 66 -13.27 -7.47 34.95
C ALA B 66 -14.53 -8.22 34.52
N MET B 67 -14.44 -9.19 33.63
CA MET B 67 -15.67 -9.89 33.19
C MET B 67 -15.38 -11.33 32.82
N ASP B 68 -15.80 -12.26 33.68
CA ASP B 68 -16.02 -13.69 33.34
C ASP B 68 -17.35 -13.80 32.58
N VAL B 69 -17.30 -13.99 31.25
CA VAL B 69 -18.49 -13.98 30.35
C VAL B 69 -19.37 -15.21 30.65
N THR B 70 -18.95 -16.16 31.49
CA THR B 70 -19.81 -17.29 31.91
C THR B 70 -20.77 -16.87 33.02
N SER B 71 -20.51 -15.71 33.66
CA SER B 71 -21.28 -15.17 34.83
C SER B 71 -22.29 -14.11 34.38
N GLU B 72 -23.58 -14.36 34.59
CA GLU B 72 -24.64 -13.38 34.30
C GLU B 72 -24.32 -12.08 35.06
N ALA B 73 -24.07 -12.16 36.37
CA ALA B 73 -23.83 -10.95 37.19
C ALA B 73 -22.63 -10.18 36.63
N ALA B 74 -21.52 -10.86 36.35
CA ALA B 74 -20.29 -10.21 35.85
C ALA B 74 -20.57 -9.55 34.48
N VAL B 75 -21.33 -10.21 33.60
CA VAL B 75 -21.70 -9.61 32.29
C VAL B 75 -22.57 -8.36 32.48
N ASN B 76 -23.65 -8.47 33.26
CA ASN B 76 -24.60 -7.34 33.46
C ASN B 76 -23.86 -6.16 34.11
N ASP B 77 -23.07 -6.41 35.14
CA ASP B 77 -22.35 -5.35 35.89
C ASP B 77 -21.32 -4.67 34.98
N GLY B 78 -20.60 -5.43 34.15
CA GLY B 78 -19.56 -4.90 33.24
C GLY B 78 -20.15 -4.07 32.12
N VAL B 79 -21.22 -4.52 31.48
CA VAL B 79 -21.95 -3.70 30.48
C VAL B 79 -22.45 -2.41 31.14
N GLN B 80 -22.98 -2.49 32.36
CA GLN B 80 -23.52 -1.28 33.04
C GLN B 80 -22.36 -0.31 33.32
N ARG B 81 -21.19 -0.82 33.77
CA ARG B 81 -19.99 0.02 34.02
C ARG B 81 -19.64 0.79 32.73
N LEU B 82 -19.60 0.11 31.59
CA LEU B 82 -19.31 0.78 30.30
C LEU B 82 -20.33 1.89 30.04
N VAL B 83 -21.61 1.58 30.18
CA VAL B 83 -22.70 2.52 29.86
C VAL B 83 -22.59 3.71 30.82
N ASP B 84 -22.40 3.45 32.11
CA ASP B 84 -22.23 4.51 33.14
C ASP B 84 -21.03 5.41 32.77
N THR B 85 -19.91 4.83 32.30
CA THR B 85 -18.64 5.56 32.02
C THR B 85 -18.76 6.38 30.73
N PHE B 86 -19.26 5.80 29.63
CA PHE B 86 -19.13 6.39 28.27
C PHE B 86 -20.48 6.86 27.71
N GLY B 87 -21.58 6.48 28.36
CA GLY B 87 -22.94 6.99 28.07
C GLY B 87 -23.81 6.03 27.26
N GLY B 88 -23.28 4.88 26.82
CA GLY B 88 -24.08 3.91 26.06
C GLY B 88 -23.23 2.77 25.52
N ILE B 89 -23.81 1.91 24.69
CA ILE B 89 -23.04 0.85 23.99
C ILE B 89 -23.55 0.75 22.55
N ASP B 90 -22.66 0.99 21.58
CA ASP B 90 -23.00 0.96 20.13
C ASP B 90 -22.52 -0.34 19.49
N ILE B 91 -21.48 -0.96 20.04
CA ILE B 91 -20.82 -2.15 19.41
C ILE B 91 -20.49 -3.18 20.50
N LEU B 92 -20.85 -4.44 20.28
CA LEU B 92 -20.42 -5.58 21.11
C LEU B 92 -19.64 -6.53 20.20
N VAL B 93 -18.41 -6.87 20.57
CA VAL B 93 -17.68 -8.02 19.97
C VAL B 93 -17.59 -9.13 21.02
N SER B 94 -18.29 -10.23 20.80
CA SER B 94 -18.26 -11.41 21.69
C SER B 94 -17.14 -12.31 21.20
N ASN B 95 -15.96 -12.22 21.81
CA ASN B 95 -14.69 -12.79 21.30
C ASN B 95 -13.99 -13.71 22.32
N ALA B 96 -14.21 -13.54 23.63
CA ALA B 96 -13.60 -14.40 24.66
C ALA B 96 -13.74 -15.87 24.25
N GLY B 97 -12.67 -16.65 24.35
CA GLY B 97 -12.70 -18.07 24.02
C GLY B 97 -11.49 -18.79 24.56
N ILE B 98 -11.59 -20.11 24.63
CA ILE B 98 -10.45 -21.02 24.94
C ILE B 98 -10.57 -22.25 24.03
N GLN B 99 -9.52 -23.07 24.03
CA GLN B 99 -9.50 -24.37 23.29
C GLN B 99 -9.18 -25.49 24.27
N ILE B 100 -9.89 -26.60 24.17
CA ILE B 100 -9.62 -27.83 24.95
C ILE B 100 -9.76 -29.00 24.00
N ILE B 101 -8.67 -29.75 23.83
CA ILE B 101 -8.46 -30.75 22.75
C ILE B 101 -8.58 -32.13 23.38
N ASP B 102 -9.47 -32.96 22.86
CA ASP B 102 -9.59 -34.38 23.29
C ASP B 102 -10.58 -35.01 22.34
N PRO B 103 -10.42 -36.31 22.02
CA PRO B 103 -11.45 -37.02 21.29
C PRO B 103 -12.72 -37.18 22.15
N ILE B 104 -13.87 -37.29 21.50
CA ILE B 104 -15.19 -37.35 22.17
C ILE B 104 -15.18 -38.47 23.21
N HIS B 105 -14.54 -39.61 22.89
CA HIS B 105 -14.62 -40.81 23.78
C HIS B 105 -13.78 -40.60 25.04
N LYS B 106 -12.89 -39.60 25.06
CA LYS B 106 -11.92 -39.33 26.15
C LYS B 106 -12.28 -38.02 26.86
N MET B 107 -13.06 -37.15 26.24
CA MET B 107 -13.23 -35.77 26.74
C MET B 107 -14.03 -35.81 28.06
N ALA B 108 -13.54 -35.14 29.09
CA ALA B 108 -14.31 -34.92 30.34
C ALA B 108 -15.56 -34.09 30.04
N PHE B 109 -16.68 -34.48 30.65
CA PHE B 109 -17.95 -33.71 30.57
C PHE B 109 -17.72 -32.30 31.12
N GLU B 110 -16.85 -32.12 32.12
CA GLU B 110 -16.55 -30.80 32.71
C GLU B 110 -16.00 -29.87 31.63
N ASP B 111 -15.10 -30.39 30.81
CA ASP B 111 -14.42 -29.65 29.71
C ASP B 111 -15.43 -29.27 28.60
N TRP B 112 -16.33 -30.20 28.24
CA TRP B 112 -17.45 -29.92 27.31
C TRP B 112 -18.25 -28.72 27.83
N LYS B 113 -18.69 -28.76 29.09
CA LYS B 113 -19.57 -27.71 29.65
CA LYS B 113 -19.56 -27.72 29.69
C LYS B 113 -18.80 -26.39 29.76
N LYS B 114 -17.53 -26.42 30.11
CA LYS B 114 -16.72 -25.18 30.26
C LYS B 114 -16.61 -24.51 28.89
N MET B 115 -16.39 -25.30 27.84
CA MET B 115 -16.27 -24.75 26.46
C MET B 115 -17.59 -24.09 26.05
N LEU B 116 -18.72 -24.78 26.22
CA LEU B 116 -20.04 -24.21 25.82
C LEU B 116 -20.35 -23.00 26.72
N ALA B 117 -19.95 -23.02 28.00
CA ALA B 117 -20.22 -21.89 28.92
C ALA B 117 -19.53 -20.64 28.36
N ILE B 118 -18.26 -20.73 28.01
CA ILE B 118 -17.48 -19.54 27.56
C ILE B 118 -17.98 -19.09 26.18
N HIS B 119 -18.09 -20.02 25.22
CA HIS B 119 -18.35 -19.65 23.81
C HIS B 119 -19.83 -19.27 23.62
N LEU B 120 -20.76 -20.06 24.15
CA LEU B 120 -22.22 -19.91 23.90
C LEU B 120 -22.88 -19.11 25.03
N ASP B 121 -22.70 -19.49 26.31
CA ASP B 121 -23.34 -18.70 27.39
C ASP B 121 -22.79 -17.27 27.33
N GLY B 122 -21.48 -17.09 27.17
CA GLY B 122 -20.86 -15.75 27.01
C GLY B 122 -21.54 -14.95 25.90
N ALA B 123 -21.70 -15.55 24.73
CA ALA B 123 -22.38 -14.90 23.59
C ALA B 123 -23.82 -14.50 23.97
N PHE B 124 -24.58 -15.39 24.57
CA PHE B 124 -25.98 -15.12 24.99
C PHE B 124 -26.00 -13.96 25.99
N LEU B 125 -25.19 -14.04 27.06
CA LEU B 125 -25.27 -13.09 28.20
C LEU B 125 -24.88 -11.68 27.69
N THR B 126 -23.74 -11.54 27.02
CA THR B 126 -23.24 -10.26 26.48
C THR B 126 -24.25 -9.70 25.47
N THR B 127 -24.84 -10.54 24.62
CA THR B 127 -25.82 -10.08 23.61
C THR B 127 -27.04 -9.48 24.33
N LYS B 128 -27.62 -10.25 25.25
CA LYS B 128 -28.84 -9.87 25.99
C LYS B 128 -28.59 -8.54 26.71
N ALA B 129 -27.47 -8.43 27.42
CA ALA B 129 -27.13 -7.21 28.18
C ALA B 129 -26.99 -6.04 27.20
N ALA B 130 -26.25 -6.24 26.10
CA ALA B 130 -25.95 -5.17 25.13
C ALA B 130 -27.27 -4.68 24.49
N ILE B 131 -28.10 -5.59 24.00
CA ILE B 131 -29.29 -5.20 23.20
C ILE B 131 -30.35 -4.56 24.09
N GLN B 132 -30.34 -4.84 25.39
CA GLN B 132 -31.30 -4.16 26.30
C GLN B 132 -31.05 -2.65 26.23
N HIS B 133 -29.79 -2.23 26.11
CA HIS B 133 -29.38 -0.80 25.98
C HIS B 133 -29.62 -0.32 24.54
N MET B 134 -29.22 -1.11 23.54
CA MET B 134 -29.30 -0.71 22.13
C MET B 134 -30.77 -0.52 21.75
N TYR B 135 -31.67 -1.35 22.27
CA TYR B 135 -33.12 -1.32 21.89
C TYR B 135 -33.81 -0.04 22.40
N LYS B 136 -33.28 0.60 23.43
CA LYS B 136 -33.79 1.91 23.93
C LYS B 136 -33.84 2.96 22.81
N ASP B 137 -35.07 3.33 22.43
CA ASP B 137 -35.39 4.42 21.47
C ASP B 137 -34.89 4.02 20.07
N ASP B 138 -34.83 2.72 19.79
CA ASP B 138 -34.41 2.12 18.49
C ASP B 138 -33.12 2.78 17.96
N LYS B 139 -32.18 3.17 18.85
CA LYS B 139 -30.87 3.74 18.45
C LYS B 139 -30.00 2.67 17.76
N GLY B 140 -30.16 1.40 18.14
CA GLY B 140 -29.50 0.28 17.43
C GLY B 140 -28.02 0.18 17.76
N GLY B 141 -27.37 -0.75 17.06
CA GLY B 141 -25.98 -1.09 17.28
C GLY B 141 -25.61 -2.33 16.51
N THR B 142 -24.37 -2.74 16.69
CA THR B 142 -23.71 -3.84 15.97
C THR B 142 -23.27 -4.88 16.99
N VAL B 143 -23.56 -6.13 16.71
CA VAL B 143 -23.06 -7.29 17.48
C VAL B 143 -22.26 -8.18 16.52
N ILE B 144 -20.99 -8.36 16.82
CA ILE B 144 -20.07 -9.26 16.09
C ILE B 144 -19.68 -10.41 17.02
N TYR B 145 -19.87 -11.63 16.54
CA TYR B 145 -19.39 -12.85 17.20
C TYR B 145 -18.09 -13.26 16.52
N MET B 146 -17.12 -13.73 17.31
CA MET B 146 -15.88 -14.34 16.75
C MET B 146 -16.17 -15.82 16.57
N GLY B 147 -16.49 -16.23 15.34
CA GLY B 147 -16.58 -17.64 14.97
C GLY B 147 -15.22 -18.16 14.53
N SER B 148 -15.24 -18.99 13.51
CA SER B 148 -14.06 -19.76 13.05
C SER B 148 -14.40 -20.45 11.74
N VAL B 149 -13.40 -20.95 11.03
CA VAL B 149 -13.66 -21.91 9.92
C VAL B 149 -14.38 -23.11 10.56
N HIS B 150 -14.14 -23.34 11.86
CA HIS B 150 -14.84 -24.40 12.65
C HIS B 150 -16.29 -24.01 13.02
N SER B 151 -16.81 -22.89 12.53
CA SER B 151 -18.27 -22.59 12.42
C SER B 151 -18.89 -23.40 11.27
N HIS B 152 -18.08 -23.82 10.30
CA HIS B 152 -18.54 -24.26 8.96
C HIS B 152 -18.10 -25.71 8.71
N GLU B 153 -16.99 -26.15 9.30
CA GLU B 153 -16.50 -27.55 9.15
C GLU B 153 -15.79 -28.01 10.44
N ALA B 154 -15.47 -29.31 10.52
CA ALA B 154 -14.90 -29.96 11.72
C ALA B 154 -13.39 -30.21 11.56
N SER B 155 -12.72 -30.38 12.69
CA SER B 155 -11.38 -30.99 12.83
C SER B 155 -11.45 -32.03 13.94
N LEU B 156 -10.58 -33.03 13.88
CA LEU B 156 -10.45 -34.05 14.96
C LEU B 156 -10.25 -33.32 16.30
N PHE B 157 -10.82 -33.86 17.37
CA PHE B 157 -10.39 -33.65 18.77
C PHE B 157 -10.87 -32.28 19.24
N LYS B 158 -11.80 -31.67 18.51
CA LYS B 158 -12.33 -30.33 18.89
C LYS B 158 -13.86 -30.32 18.96
N ALA B 159 -14.50 -31.41 19.40
CA ALA B 159 -15.98 -31.52 19.40
C ALA B 159 -16.63 -30.27 20.03
N PRO B 160 -16.34 -29.88 21.29
CA PRO B 160 -17.06 -28.78 21.90
C PRO B 160 -16.80 -27.43 21.23
N TYR B 161 -15.58 -27.22 20.73
CA TYR B 161 -15.21 -25.97 20.04
C TYR B 161 -16.01 -25.86 18.74
N VAL B 162 -16.04 -26.93 17.95
CA VAL B 162 -16.73 -26.92 16.64
C VAL B 162 -18.25 -26.73 16.90
N THR B 163 -18.81 -27.45 17.87
CA THR B 163 -20.21 -27.33 18.32
C THR B 163 -20.50 -25.85 18.63
N ALA B 164 -19.68 -25.22 19.47
CA ALA B 164 -19.87 -23.81 19.90
C ALA B 164 -19.81 -22.87 18.70
N LYS B 165 -18.78 -23.02 17.86
CA LYS B 165 -18.57 -22.06 16.75
C LYS B 165 -19.67 -22.22 15.70
N HIS B 166 -20.20 -23.43 15.48
CA HIS B 166 -21.40 -23.66 14.63
C HIS B 166 -22.60 -22.98 15.28
N GLY B 167 -22.81 -23.18 16.58
CA GLY B 167 -23.92 -22.57 17.31
C GLY B 167 -23.93 -21.05 17.20
N LEU B 168 -22.76 -20.40 17.18
CA LEU B 168 -22.70 -18.90 17.10
C LEU B 168 -23.35 -18.42 15.80
N LEU B 169 -23.27 -19.17 14.70
CA LEU B 169 -23.97 -18.78 13.45
C LEU B 169 -25.47 -18.69 13.76
N GLY B 170 -26.02 -19.73 14.39
CA GLY B 170 -27.45 -19.83 14.77
C GLY B 170 -27.87 -18.61 15.58
N LEU B 171 -27.10 -18.26 16.59
CA LEU B 171 -27.44 -17.14 17.50
C LEU B 171 -27.44 -15.85 16.67
N CYS B 172 -26.43 -15.67 15.83
CA CYS B 172 -26.27 -14.45 14.98
C CYS B 172 -27.50 -14.32 14.08
N ARG B 173 -27.95 -15.43 13.49
CA ARG B 173 -29.04 -15.41 12.49
C ARG B 173 -30.36 -15.06 13.18
N VAL B 174 -30.60 -15.53 14.41
CA VAL B 174 -31.81 -15.15 15.20
C VAL B 174 -31.73 -13.65 15.54
N LEU B 175 -30.58 -13.16 15.98
CA LEU B 175 -30.47 -11.75 16.38
C LEU B 175 -30.70 -10.84 15.16
N ALA B 176 -30.24 -11.23 13.97
CA ALA B 176 -30.46 -10.42 12.76
C ALA B 176 -31.96 -10.24 12.58
N LYS B 177 -32.74 -11.31 12.72
CA LYS B 177 -34.23 -11.25 12.56
C LYS B 177 -34.86 -10.41 13.67
N GLU B 178 -34.54 -10.67 14.94
CA GLU B 178 -35.13 -9.98 16.12
C GLU B 178 -34.68 -8.52 16.17
N GLY B 179 -33.41 -8.26 15.88
CA GLY B 179 -32.76 -6.95 16.10
C GLY B 179 -33.17 -5.92 15.04
N ALA B 180 -33.65 -6.40 13.89
CA ALA B 180 -33.94 -5.56 12.72
C ALA B 180 -34.94 -4.47 13.10
N VAL B 181 -35.88 -4.77 13.98
CA VAL B 181 -36.97 -3.82 14.31
C VAL B 181 -36.42 -2.72 15.23
N HIS B 182 -35.23 -2.90 15.81
CA HIS B 182 -34.58 -1.92 16.72
C HIS B 182 -33.23 -1.43 16.15
N ASN B 183 -32.99 -1.58 14.84
CA ASN B 183 -31.75 -1.10 14.17
C ASN B 183 -30.52 -1.80 14.77
N VAL B 184 -30.63 -3.08 15.14
CA VAL B 184 -29.48 -3.91 15.58
C VAL B 184 -29.14 -4.92 14.48
N ARG B 185 -27.89 -4.90 14.03
CA ARG B 185 -27.32 -5.83 13.03
C ARG B 185 -26.32 -6.76 13.74
N SER B 186 -26.17 -7.96 13.19
CA SER B 186 -25.35 -9.06 13.77
C SER B 186 -24.45 -9.60 12.65
N HIS B 187 -23.23 -10.00 12.96
CA HIS B 187 -22.28 -10.64 12.02
C HIS B 187 -21.49 -11.70 12.77
N VAL B 188 -20.96 -12.67 12.04
CA VAL B 188 -19.93 -13.62 12.56
C VAL B 188 -18.71 -13.47 11.67
N ILE B 189 -17.55 -13.22 12.28
CA ILE B 189 -16.25 -13.31 11.56
C ILE B 189 -15.71 -14.70 11.81
N CYS B 190 -15.31 -15.40 10.76
CA CYS B 190 -14.78 -16.77 10.82
C CYS B 190 -13.32 -16.80 10.34
N PRO B 191 -12.34 -16.56 11.23
CA PRO B 191 -10.92 -16.74 10.87
C PRO B 191 -10.53 -18.21 10.66
N GLY B 192 -9.48 -18.43 9.84
CA GLY B 192 -8.66 -19.64 9.90
C GLY B 192 -7.65 -19.52 11.03
N PHE B 193 -6.57 -20.29 10.99
CA PHE B 193 -5.53 -20.26 12.07
C PHE B 193 -4.86 -18.88 12.07
N VAL B 194 -4.72 -18.29 13.25
CA VAL B 194 -3.95 -17.05 13.55
C VAL B 194 -2.87 -17.38 14.60
N LYS B 195 -1.66 -16.89 14.44
CA LYS B 195 -0.55 -17.10 15.44
C LYS B 195 -0.73 -16.24 16.68
N THR B 196 -1.82 -16.43 17.43
CA THR B 196 -2.05 -15.87 18.79
C THR B 196 -1.51 -16.86 19.82
N PRO B 197 -1.49 -16.50 21.13
CA PRO B 197 -1.20 -17.46 22.21
C PRO B 197 -2.10 -18.71 22.25
N LEU B 198 -3.38 -18.59 21.82
CA LEU B 198 -4.36 -19.72 21.72
C LEU B 198 -3.85 -20.79 20.74
N VAL B 199 -2.93 -20.41 19.84
CA VAL B 199 -2.42 -21.26 18.72
C VAL B 199 -0.93 -21.55 18.92
N GLU B 200 -0.10 -20.56 19.25
CA GLU B 200 1.35 -20.80 19.51
C GLU B 200 1.47 -21.77 20.68
N LYS B 201 0.47 -21.79 21.58
CA LYS B 201 0.25 -22.86 22.60
C LYS B 201 0.21 -24.24 21.92
N GLN B 202 -0.65 -24.38 20.90
CA GLN B 202 -1.03 -25.67 20.27
C GLN B 202 0.16 -26.29 19.51
N ILE B 203 1.07 -25.46 18.96
CA ILE B 203 2.10 -25.89 17.96
C ILE B 203 3.07 -26.86 18.63
N PRO B 204 3.72 -26.47 19.76
CA PRO B 204 4.45 -27.43 20.61
C PRO B 204 3.64 -28.70 20.96
N GLN B 205 2.51 -28.53 21.68
CA GLN B 205 1.61 -29.62 22.17
C GLN B 205 0.90 -30.27 20.98
N VAL B 217 3.95 -29.76 10.25
CA VAL B 217 2.90 -29.42 11.28
C VAL B 217 2.12 -28.19 10.82
N VAL B 218 2.83 -27.11 10.48
CA VAL B 218 2.23 -25.84 10.00
C VAL B 218 1.63 -26.09 8.62
N ASN B 219 2.46 -26.57 7.68
CA ASN B 219 2.11 -26.65 6.24
C ASN B 219 1.28 -27.90 5.97
N ASP B 220 1.36 -28.91 6.84
CA ASP B 220 0.94 -30.31 6.53
C ASP B 220 -0.32 -30.66 7.32
N ILE B 221 -0.56 -30.02 8.46
CA ILE B 221 -1.83 -30.20 9.22
C ILE B 221 -2.59 -28.86 9.37
N MET B 222 -1.98 -27.80 9.92
CA MET B 222 -2.73 -26.57 10.29
C MET B 222 -3.15 -25.78 9.03
N LEU B 223 -2.24 -25.59 8.07
CA LEU B 223 -2.50 -24.79 6.83
C LEU B 223 -2.76 -25.68 5.61
N VAL B 224 -3.02 -26.97 5.82
CA VAL B 224 -3.12 -27.97 4.73
C VAL B 224 -4.30 -27.64 3.81
N ASN B 225 -5.39 -27.08 4.33
CA ASN B 225 -6.60 -26.78 3.50
C ASN B 225 -6.61 -25.30 3.08
N THR B 226 -5.56 -24.51 3.34
CA THR B 226 -5.44 -23.17 2.73
C THR B 226 -5.01 -23.36 1.29
N VAL B 227 -5.17 -22.35 0.44
CA VAL B 227 -4.75 -22.44 -1.01
C VAL B 227 -3.32 -21.95 -1.15
N ASP B 228 -2.75 -21.30 -0.13
CA ASP B 228 -1.49 -20.54 -0.29
C ASP B 228 -0.57 -20.76 0.92
N LYS B 229 -0.94 -21.66 1.84
CA LYS B 229 -0.17 -21.94 3.09
C LYS B 229 0.18 -20.62 3.80
N GLU B 230 -0.83 -19.78 4.05
CA GLU B 230 -0.65 -18.55 4.86
C GLU B 230 -1.55 -18.61 6.09
N PHE B 231 -1.02 -18.19 7.23
CA PHE B 231 -1.82 -17.84 8.42
C PHE B 231 -2.71 -16.64 8.09
N THR B 232 -3.89 -16.62 8.69
CA THR B 232 -4.71 -15.41 8.90
C THR B 232 -4.03 -14.56 9.98
N THR B 233 -4.05 -13.23 9.85
CA THR B 233 -3.41 -12.36 10.85
C THR B 233 -4.45 -11.67 11.71
N VAL B 234 -4.00 -11.14 12.84
CA VAL B 234 -4.86 -10.31 13.74
C VAL B 234 -5.30 -9.05 13.00
N ASP B 235 -4.46 -8.45 12.15
CA ASP B 235 -4.83 -7.22 11.40
C ASP B 235 -5.86 -7.56 10.31
N ASP B 236 -5.83 -8.75 9.71
CA ASP B 236 -6.88 -9.19 8.75
C ASP B 236 -8.22 -9.09 9.48
N ILE B 237 -8.29 -9.69 10.66
CA ILE B 237 -9.57 -9.78 11.43
C ILE B 237 -9.97 -8.37 11.92
N ALA B 238 -9.04 -7.61 12.48
CA ALA B 238 -9.31 -6.23 12.97
C ALA B 238 -9.77 -5.31 11.82
N GLN B 239 -9.23 -5.44 10.60
CA GLN B 239 -9.71 -4.63 9.45
C GLN B 239 -11.16 -5.01 9.13
N LEU B 240 -11.47 -6.32 9.10
CA LEU B 240 -12.84 -6.78 8.78
C LEU B 240 -13.78 -6.30 9.87
N ALA B 241 -13.35 -6.31 11.13
CA ALA B 241 -14.21 -5.91 12.26
C ALA B 241 -14.48 -4.40 12.20
N LEU B 242 -13.50 -3.62 11.74
CA LEU B 242 -13.67 -2.14 11.59
C LEU B 242 -14.59 -1.86 10.39
N PHE B 243 -14.33 -2.49 9.25
CA PHE B 243 -15.21 -2.41 8.05
C PHE B 243 -16.68 -2.68 8.42
N LEU B 244 -16.96 -3.77 9.13
CA LEU B 244 -18.35 -4.09 9.58
C LEU B 244 -18.84 -3.03 10.57
N ALA B 245 -18.06 -2.72 11.61
CA ALA B 245 -18.55 -1.85 12.71
C ALA B 245 -18.88 -0.46 12.13
N ALA B 246 -18.12 0.01 11.13
CA ALA B 246 -18.20 1.38 10.58
C ALA B 246 -19.19 1.43 9.40
N PHE B 247 -19.71 0.29 8.97
CA PHE B 247 -20.46 0.20 7.69
C PHE B 247 -21.72 1.06 7.82
N PRO B 248 -22.02 1.89 6.80
CA PRO B 248 -23.08 2.89 6.93
C PRO B 248 -24.50 2.32 6.90
N THR B 249 -24.69 1.07 6.43
CA THR B 249 -26.02 0.45 6.31
C THR B 249 -26.02 -0.93 6.99
N ASN B 250 -27.21 -1.52 7.15
CA ASN B 250 -27.42 -2.84 7.81
C ASN B 250 -27.36 -3.98 6.77
N VAL B 251 -26.74 -3.72 5.61
CA VAL B 251 -26.73 -4.67 4.47
C VAL B 251 -26.13 -6.03 4.89
N PHE B 252 -25.19 -6.09 5.83
CA PHE B 252 -24.46 -7.35 6.17
C PHE B 252 -25.08 -8.07 7.38
N THR B 253 -26.25 -7.63 7.82
CA THR B 253 -26.87 -8.22 9.03
C THR B 253 -27.18 -9.71 8.81
N GLY B 254 -26.86 -10.56 9.78
CA GLY B 254 -27.05 -12.02 9.69
C GLY B 254 -25.92 -12.78 9.01
N GLN B 255 -24.95 -12.11 8.40
CA GLN B 255 -23.94 -12.78 7.54
C GLN B 255 -22.78 -13.31 8.40
N SER B 256 -22.20 -14.44 7.98
CA SER B 256 -20.83 -14.83 8.36
C SER B 256 -19.88 -14.55 7.19
N ILE B 257 -18.63 -14.16 7.51
CA ILE B 257 -17.58 -13.87 6.50
C ILE B 257 -16.33 -14.64 6.90
N VAL B 258 -15.88 -15.52 6.00
CA VAL B 258 -14.75 -16.44 6.30
C VAL B 258 -13.47 -15.74 5.85
N ALA B 259 -12.47 -15.70 6.73
CA ALA B 259 -11.16 -15.04 6.49
C ALA B 259 -10.06 -16.05 6.78
N SER B 260 -9.79 -16.94 5.83
CA SER B 260 -9.05 -18.22 6.07
C SER B 260 -8.05 -18.58 4.96
N HIS B 261 -7.77 -17.70 4.00
CA HIS B 261 -6.86 -18.03 2.87
C HIS B 261 -7.35 -19.30 2.14
N GLY B 262 -8.67 -19.48 1.98
CA GLY B 262 -9.29 -20.49 1.09
C GLY B 262 -9.60 -21.81 1.77
N TRP B 263 -9.43 -21.86 3.10
CA TRP B 263 -9.86 -23.00 3.94
C TRP B 263 -11.35 -22.84 4.26
N PHE B 264 -12.18 -23.64 3.60
CA PHE B 264 -13.66 -23.50 3.55
C PHE B 264 -14.05 -22.23 2.78
N MET B 265 -14.53 -22.44 1.55
CA MET B 265 -14.96 -21.36 0.63
C MET B 265 -16.48 -21.23 0.70
N ASN B 266 -16.93 -20.19 1.41
CA ASN B 266 -18.32 -20.00 1.87
C ASN B 266 -19.10 -19.34 0.73
N ALA C 2 3.81 2.73 -16.33
CA ALA C 2 3.71 4.02 -15.64
C ALA C 2 3.57 3.75 -14.14
N THR C 3 4.15 4.65 -13.36
CA THR C 3 4.10 4.62 -11.89
C THR C 3 4.03 6.07 -11.38
N GLN C 4 4.18 6.21 -10.08
CA GLN C 4 4.00 7.48 -9.34
C GLN C 4 4.72 7.30 -8.00
N LEU C 5 4.84 8.35 -7.20
CA LEU C 5 5.60 8.25 -5.94
C LEU C 5 4.71 7.57 -4.89
N GLN C 6 5.29 6.78 -4.00
CA GLN C 6 4.61 6.24 -2.81
C GLN C 6 4.93 7.19 -1.65
N GLN C 7 3.93 7.70 -0.93
CA GLN C 7 4.29 8.51 0.29
CA GLN C 7 4.11 8.69 0.19
C GLN C 7 3.31 8.26 1.43
N ASP C 8 2.60 7.14 1.37
CA ASP C 8 1.69 6.73 2.47
C ASP C 8 2.47 5.94 3.53
N LEU C 9 2.44 6.39 4.78
CA LEU C 9 2.98 5.65 5.96
C LEU C 9 1.84 5.30 6.93
N THR C 10 0.60 5.23 6.47
CA THR C 10 -0.53 4.74 7.29
C THR C 10 -0.19 3.39 7.91
N GLY C 11 -0.39 3.25 9.22
CA GLY C 11 -0.22 1.99 9.96
C GLY C 11 1.22 1.77 10.42
N LYS C 12 2.16 2.59 9.96
CA LYS C 12 3.58 2.44 10.31
C LYS C 12 3.83 3.14 11.65
N VAL C 13 4.89 2.69 12.32
CA VAL C 13 5.41 3.32 13.55
C VAL C 13 6.88 3.71 13.32
N ALA C 14 7.20 4.98 13.55
CA ALA C 14 8.57 5.51 13.43
C ALA C 14 9.07 5.93 14.81
N LEU C 15 10.38 5.78 15.02
CA LEU C 15 11.12 6.43 16.14
C LEU C 15 12.16 7.35 15.53
N VAL C 16 12.10 8.64 15.86
CA VAL C 16 13.10 9.64 15.40
C VAL C 16 13.82 10.17 16.64
N THR C 17 15.14 10.00 16.73
CA THR C 17 15.97 10.56 17.82
C THR C 17 16.36 12.00 17.45
N GLY C 18 16.46 12.86 18.44
CA GLY C 18 16.72 14.29 18.17
C GLY C 18 15.52 14.97 17.55
N ALA C 19 14.29 14.51 17.80
CA ALA C 19 13.10 15.01 17.09
C ALA C 19 12.47 16.23 17.78
N ALA C 20 13.11 16.81 18.81
CA ALA C 20 12.59 18.03 19.49
C ALA C 20 12.95 19.31 18.72
N SER C 21 13.82 19.22 17.72
CA SER C 21 14.48 20.39 17.07
C SER C 21 14.84 20.05 15.63
N GLY C 22 14.88 21.07 14.76
CA GLY C 22 15.61 21.06 13.48
C GLY C 22 15.21 19.88 12.60
N ILE C 23 16.21 19.20 12.02
CA ILE C 23 16.00 18.18 10.95
C ILE C 23 15.08 17.07 11.51
N GLY C 24 15.34 16.61 12.73
CA GLY C 24 14.59 15.51 13.36
C GLY C 24 13.13 15.89 13.57
N ARG C 25 12.86 17.14 13.98
CA ARG C 25 11.48 17.60 14.20
CA ARG C 25 11.49 17.65 14.19
C ARG C 25 10.70 17.56 12.88
N ASP C 26 11.27 18.06 11.79
CA ASP C 26 10.58 18.12 10.48
C ASP C 26 10.39 16.68 9.95
N ILE C 27 11.37 15.81 10.10
CA ILE C 27 11.17 14.38 9.67
C ILE C 27 9.97 13.81 10.44
N ALA C 28 9.99 13.94 11.77
CA ALA C 28 8.94 13.39 12.64
C ALA C 28 7.59 13.92 12.20
N GLU C 29 7.46 15.24 12.01
CA GLU C 29 6.13 15.84 11.74
C GLU C 29 5.69 15.44 10.32
N THR C 30 6.64 15.30 9.40
CA THR C 30 6.37 14.86 8.01
C THR C 30 5.87 13.40 8.02
N TYR C 31 6.55 12.52 8.77
CA TYR C 31 6.14 11.10 8.91
C TYR C 31 4.70 11.05 9.49
N ALA C 32 4.41 11.88 10.50
CA ALA C 32 3.07 11.90 11.14
C ALA C 32 2.02 12.39 10.14
N LYS C 33 2.36 13.39 9.31
CA LYS C 33 1.45 13.92 8.28
C LYS C 33 1.17 12.84 7.23
N ALA C 34 2.12 11.94 6.98
CA ALA C 34 2.00 10.81 6.03
C ALA C 34 1.27 9.62 6.67
N GLY C 35 0.93 9.68 7.95
CA GLY C 35 0.10 8.64 8.59
C GLY C 35 0.81 7.80 9.64
N ALA C 36 2.12 8.01 9.84
CA ALA C 36 2.90 7.22 10.82
C ALA C 36 2.53 7.69 12.23
N ALA C 37 2.52 6.77 13.18
CA ALA C 37 2.64 7.10 14.63
C ALA C 37 4.12 7.31 14.94
N VAL C 38 4.50 8.42 15.57
CA VAL C 38 5.93 8.80 15.72
C VAL C 38 6.31 8.91 17.20
N GLY C 39 7.34 8.14 17.60
CA GLY C 39 8.12 8.35 18.84
C GLY C 39 9.09 9.52 18.70
N ILE C 40 8.86 10.59 19.47
CA ILE C 40 9.68 11.84 19.48
C ILE C 40 10.72 11.68 20.59
N ALA C 41 11.88 11.09 20.28
CA ALA C 41 12.90 10.70 21.28
C ALA C 41 13.95 11.80 21.38
N ASP C 42 14.15 12.34 22.57
CA ASP C 42 15.12 13.44 22.76
C ASP C 42 15.50 13.50 24.23
N ILE C 43 16.59 14.19 24.53
CA ILE C 43 16.96 14.48 25.95
C ILE C 43 16.12 15.67 26.43
N ASN C 44 15.72 16.56 25.53
CA ASN C 44 14.86 17.71 25.92
C ASN C 44 13.40 17.26 25.86
N LEU C 45 12.88 16.64 26.94
CA LEU C 45 11.49 16.09 26.98
C LEU C 45 10.44 17.19 26.73
N GLU C 46 10.59 18.37 27.34
CA GLU C 46 9.66 19.52 27.16
C GLU C 46 9.57 19.88 25.67
N ALA C 47 10.71 20.05 24.99
CA ALA C 47 10.72 20.41 23.55
C ALA C 47 10.20 19.21 22.74
N ALA C 48 10.40 17.99 23.24
CA ALA C 48 9.84 16.78 22.61
C ALA C 48 8.31 16.89 22.64
N GLN C 49 7.72 17.27 23.77
CA GLN C 49 6.25 17.36 23.91
C GLN C 49 5.71 18.50 23.04
N LYS C 50 6.48 19.56 22.77
CA LYS C 50 6.03 20.63 21.82
C LYS C 50 5.91 20.05 20.40
N THR C 51 6.81 19.15 20.00
CA THR C 51 6.71 18.46 18.68
C THR C 51 5.47 17.57 18.67
N VAL C 52 5.21 16.88 19.78
CA VAL C 52 4.02 15.99 19.92
C VAL C 52 2.75 16.86 19.82
N ASP C 53 2.75 18.06 20.40
CA ASP C 53 1.58 19.00 20.40
C ASP C 53 1.29 19.47 18.96
N ALA C 54 2.31 19.86 18.18
CA ALA C 54 2.18 20.23 16.75
C ALA C 54 1.63 19.04 15.94
N ILE C 55 2.11 17.83 16.22
CA ILE C 55 1.66 16.60 15.47
C ILE C 55 0.18 16.37 15.75
N GLU C 56 -0.22 16.34 17.01
CA GLU C 56 -1.63 16.06 17.43
C GLU C 56 -2.57 17.18 16.96
N ALA C 57 -2.08 18.42 16.89
CA ALA C 57 -2.82 19.60 16.40
C ALA C 57 -3.20 19.43 14.92
N ALA C 58 -2.39 18.68 14.16
CA ALA C 58 -2.57 18.45 12.70
C ALA C 58 -3.25 17.09 12.46
N GLY C 59 -3.59 16.37 13.54
CA GLY C 59 -4.44 15.17 13.51
C GLY C 59 -3.65 13.88 13.51
N GLY C 60 -2.37 13.92 13.87
CA GLY C 60 -1.49 12.74 13.91
C GLY C 60 -1.30 12.19 15.31
N ARG C 61 -0.67 11.02 15.40
CA ARG C 61 -0.37 10.30 16.66
C ARG C 61 1.14 10.39 16.92
N ALA C 62 1.53 10.74 18.15
CA ALA C 62 2.96 10.86 18.56
C ALA C 62 3.07 10.70 20.08
N LEU C 63 4.27 10.37 20.52
CA LEU C 63 4.61 10.06 21.93
C LEU C 63 5.95 10.72 22.22
N ALA C 64 6.02 11.57 23.26
CA ALA C 64 7.28 12.15 23.75
C ALA C 64 8.02 11.07 24.54
N ILE C 65 9.27 10.80 24.19
CA ILE C 65 10.10 9.74 24.83
C ILE C 65 11.40 10.38 25.31
N ALA C 66 11.61 10.48 26.62
CA ALA C 66 12.88 10.92 27.22
C ALA C 66 13.94 9.89 26.87
N MET C 67 14.95 10.24 26.06
CA MET C 67 15.97 9.26 25.64
C MET C 67 17.31 9.96 25.42
N ASP C 68 18.27 9.73 26.30
CA ASP C 68 19.71 10.01 26.07
C ASP C 68 20.29 8.84 25.25
N VAL C 69 20.50 9.05 23.94
CA VAL C 69 20.90 7.94 23.02
C VAL C 69 22.28 7.37 23.38
N THR C 70 23.03 7.97 24.31
CA THR C 70 24.34 7.43 24.76
C THR C 70 24.15 6.35 25.83
N SER C 71 22.93 6.20 26.36
CA SER C 71 22.58 5.24 27.46
C SER C 71 21.85 4.01 26.90
N GLU C 72 22.43 2.83 27.07
CA GLU C 72 21.83 1.53 26.68
C GLU C 72 20.46 1.37 27.34
N ALA C 73 20.34 1.66 28.64
CA ALA C 73 19.07 1.50 29.38
C ALA C 73 18.02 2.45 28.80
N ALA C 74 18.36 3.73 28.59
CA ALA C 74 17.43 4.74 28.07
C ALA C 74 16.95 4.33 26.68
N VAL C 75 17.86 3.85 25.83
CA VAL C 75 17.51 3.48 24.43
C VAL C 75 16.61 2.25 24.45
N ASN C 76 16.97 1.21 25.22
CA ASN C 76 16.17 -0.04 25.27
C ASN C 76 14.79 0.28 25.86
N ASP C 77 14.73 1.09 26.92
CA ASP C 77 13.47 1.41 27.63
C ASP C 77 12.60 2.26 26.69
N GLY C 78 13.20 3.20 25.96
CA GLY C 78 12.46 4.09 25.06
C GLY C 78 11.89 3.36 23.87
N VAL C 79 12.68 2.49 23.23
CA VAL C 79 12.19 1.64 22.11
C VAL C 79 11.04 0.75 22.63
N GLN C 80 11.17 0.20 23.83
CA GLN C 80 10.11 -0.67 24.43
C GLN C 80 8.82 0.12 24.69
N ARG C 81 8.91 1.36 25.15
CA ARG C 81 7.74 2.25 25.38
C ARG C 81 7.03 2.54 24.04
N LEU C 82 7.75 2.71 22.94
CA LEU C 82 7.14 2.93 21.62
C LEU C 82 6.40 1.65 21.19
N VAL C 83 7.07 0.52 21.29
CA VAL C 83 6.52 -0.79 20.91
C VAL C 83 5.28 -1.08 21.77
N ASP C 84 5.36 -0.82 23.07
CA ASP C 84 4.23 -1.14 23.99
C ASP C 84 3.01 -0.30 23.61
N THR C 85 3.21 0.95 23.16
CA THR C 85 2.15 1.95 22.91
C THR C 85 1.53 1.72 21.52
N PHE C 86 2.36 1.56 20.48
CA PHE C 86 1.88 1.57 19.08
C PHE C 86 2.00 0.18 18.44
N GLY C 87 2.55 -0.81 19.13
CA GLY C 87 2.49 -2.23 18.71
C GLY C 87 3.71 -2.74 17.96
N GLY C 88 4.70 -1.90 17.64
CA GLY C 88 5.88 -2.31 16.87
C GLY C 88 6.75 -1.11 16.53
N ILE C 89 7.79 -1.33 15.72
CA ILE C 89 8.60 -0.24 15.14
C ILE C 89 8.98 -0.63 13.71
N ASP C 90 8.59 0.22 12.74
CA ASP C 90 8.80 -0.02 11.29
C ASP C 90 9.99 0.79 10.78
N ILE C 91 10.23 1.97 11.37
CA ILE C 91 11.21 2.99 10.90
C ILE C 91 11.98 3.54 12.10
N LEU C 92 13.31 3.51 12.03
CA LEU C 92 14.23 4.21 12.96
C LEU C 92 14.99 5.27 12.17
N VAL C 93 14.96 6.51 12.66
CA VAL C 93 15.82 7.60 12.16
C VAL C 93 16.77 7.99 13.29
N SER C 94 18.02 7.54 13.22
CA SER C 94 19.10 7.84 14.20
C SER C 94 19.68 9.20 13.81
N ASN C 95 19.23 10.27 14.48
CA ASN C 95 19.43 11.68 14.03
C ASN C 95 20.09 12.52 15.15
N ALA C 96 19.87 12.20 16.42
CA ALA C 96 20.38 13.00 17.55
C ALA C 96 21.85 13.32 17.32
N GLY C 97 22.26 14.57 17.52
CA GLY C 97 23.65 14.96 17.32
C GLY C 97 23.95 16.33 17.90
N ILE C 98 25.22 16.58 18.19
CA ILE C 98 25.76 17.91 18.61
C ILE C 98 26.99 18.20 17.77
N GLN C 99 27.51 19.41 17.89
CA GLN C 99 28.79 19.83 17.25
C GLN C 99 29.70 20.38 18.34
N ILE C 100 30.98 20.03 18.30
CA ILE C 100 32.02 20.61 19.20
C ILE C 100 33.23 20.94 18.32
N ILE C 101 33.57 22.23 18.21
CA ILE C 101 34.62 22.78 17.31
C ILE C 101 35.91 23.04 18.10
N ASP C 102 36.99 22.40 17.66
CA ASP C 102 38.36 22.58 18.17
C ASP C 102 39.30 21.80 17.26
N PRO C 103 40.50 22.33 17.00
CA PRO C 103 41.50 21.57 16.28
C PRO C 103 41.94 20.38 17.14
N ILE C 104 42.46 19.34 16.49
CA ILE C 104 42.89 18.08 17.13
C ILE C 104 43.85 18.38 18.30
N HIS C 105 44.82 19.27 18.10
CA HIS C 105 45.90 19.49 19.09
C HIS C 105 45.35 20.17 20.35
N LYS C 106 44.15 20.75 20.31
CA LYS C 106 43.51 21.50 21.42
C LYS C 106 42.31 20.72 21.99
N MET C 107 41.75 19.78 21.23
CA MET C 107 40.46 19.19 21.60
C MET C 107 40.61 18.37 22.89
N ALA C 108 39.69 18.56 23.86
CA ALA C 108 39.64 17.75 25.10
C ALA C 108 39.26 16.33 24.71
N PHE C 109 39.88 15.33 25.30
CA PHE C 109 39.53 13.90 25.09
C PHE C 109 38.08 13.68 25.50
N GLU C 110 37.61 14.35 26.56
CA GLU C 110 36.19 14.23 27.01
C GLU C 110 35.24 14.62 25.85
N ASP C 111 35.56 15.68 25.11
CA ASP C 111 34.74 16.16 23.97
C ASP C 111 34.74 15.11 22.84
N TRP C 112 35.92 14.61 22.46
CA TRP C 112 36.10 13.52 21.48
C TRP C 112 35.15 12.36 21.86
N LYS C 113 35.17 11.93 23.10
CA LYS C 113 34.40 10.72 23.51
CA LYS C 113 34.40 10.73 23.55
C LYS C 113 32.90 11.05 23.56
N LYS C 114 32.52 12.27 23.97
CA LYS C 114 31.10 12.67 24.04
C LYS C 114 30.52 12.66 22.63
N MET C 115 31.30 13.15 21.68
CA MET C 115 30.86 13.26 20.26
C MET C 115 30.65 11.86 19.69
N LEU C 116 31.58 10.93 19.89
CA LEU C 116 31.45 9.54 19.38
C LEU C 116 30.30 8.84 20.12
N ALA C 117 30.13 9.09 21.43
CA ALA C 117 29.04 8.46 22.23
C ALA C 117 27.69 8.83 21.62
N ILE C 118 27.44 10.10 21.29
CA ILE C 118 26.11 10.55 20.76
C ILE C 118 25.93 10.03 19.34
N HIS C 119 26.90 10.24 18.44
CA HIS C 119 26.74 9.95 16.99
C HIS C 119 26.84 8.45 16.77
N LEU C 120 27.84 7.79 17.34
CA LEU C 120 28.10 6.36 17.02
C LEU C 120 27.44 5.44 18.04
N ASP C 121 27.70 5.60 19.34
CA ASP C 121 27.06 4.70 20.35
C ASP C 121 25.53 4.81 20.19
N GLY C 122 25.01 6.02 19.99
CA GLY C 122 23.56 6.23 19.76
C GLY C 122 23.04 5.44 18.56
N ALA C 123 23.77 5.47 17.44
CA ALA C 123 23.41 4.72 16.22
C ALA C 123 23.41 3.23 16.53
N PHE C 124 24.46 2.73 17.16
CA PHE C 124 24.58 1.29 17.47
C PHE C 124 23.42 0.88 18.39
N LEU C 125 23.21 1.61 19.49
CA LEU C 125 22.24 1.20 20.54
C LEU C 125 20.82 1.21 19.95
N THR C 126 20.44 2.27 19.23
CA THR C 126 19.08 2.42 18.68
C THR C 126 18.86 1.38 17.58
N THR C 127 19.87 1.13 16.73
CA THR C 127 19.76 0.12 15.66
C THR C 127 19.49 -1.24 16.30
N LYS C 128 20.38 -1.64 17.21
CA LYS C 128 20.33 -2.97 17.86
C LYS C 128 18.96 -3.12 18.51
N ALA C 129 18.45 -2.11 19.22
CA ALA C 129 17.15 -2.19 19.92
C ALA C 129 16.03 -2.33 18.87
N ALA C 130 16.08 -1.57 17.78
CA ALA C 130 15.02 -1.56 16.75
C ALA C 130 15.00 -2.90 16.02
N ILE C 131 16.15 -3.42 15.61
CA ILE C 131 16.19 -4.63 14.74
C ILE C 131 15.81 -5.87 15.53
N GLN C 132 15.98 -5.87 16.86
CA GLN C 132 15.43 -6.97 17.70
CA GLN C 132 15.41 -6.92 17.77
C GLN C 132 13.93 -7.13 17.40
N HIS C 133 13.20 -6.02 17.26
CA HIS C 133 11.76 -6.01 16.94
C HIS C 133 11.54 -6.32 15.44
N MET C 134 12.25 -5.62 14.56
CA MET C 134 12.04 -5.71 13.09
C MET C 134 12.39 -7.14 12.62
N TYR C 135 13.36 -7.78 13.26
CA TYR C 135 13.81 -9.14 12.86
C TYR C 135 12.75 -10.22 13.21
N LYS C 136 11.89 -9.98 14.19
CA LYS C 136 10.84 -10.98 14.60
C LYS C 136 9.91 -11.27 13.42
N ASP C 137 9.80 -12.55 13.02
CA ASP C 137 8.93 -13.05 11.91
C ASP C 137 9.34 -12.39 10.58
N ASP C 138 10.59 -11.93 10.47
CA ASP C 138 11.08 -11.23 9.26
C ASP C 138 10.13 -10.11 8.83
N LYS C 139 9.52 -9.40 9.77
CA LYS C 139 8.58 -8.30 9.42
C LYS C 139 9.38 -7.19 8.73
N GLY C 140 10.55 -6.85 9.28
CA GLY C 140 11.53 -5.95 8.65
C GLY C 140 11.19 -4.50 8.95
N GLY C 141 11.84 -3.61 8.23
CA GLY C 141 11.76 -2.18 8.52
C GLY C 141 12.90 -1.42 7.88
N THR C 142 12.95 -0.14 8.21
CA THR C 142 13.85 0.87 7.58
C THR C 142 14.66 1.54 8.70
N VAL C 143 15.97 1.55 8.57
CA VAL C 143 16.86 2.34 9.48
C VAL C 143 17.52 3.41 8.63
N ILE C 144 17.31 4.67 9.00
CA ILE C 144 17.98 5.83 8.36
C ILE C 144 18.91 6.50 9.38
N TYR C 145 20.16 6.76 8.97
CA TYR C 145 21.17 7.45 9.80
C TYR C 145 21.31 8.87 9.24
N MET C 146 21.35 9.86 10.12
CA MET C 146 21.60 11.24 9.66
C MET C 146 23.11 11.40 9.59
N GLY C 147 23.62 11.32 8.37
CA GLY C 147 25.03 11.58 8.07
C GLY C 147 25.22 13.06 7.77
N SER C 148 26.13 13.35 6.86
CA SER C 148 26.52 14.73 6.50
C SER C 148 27.36 14.67 5.22
N VAL C 149 27.56 15.80 4.56
CA VAL C 149 28.68 15.92 3.58
C VAL C 149 29.95 15.53 4.31
N HIS C 150 30.02 15.75 5.64
CA HIS C 150 31.15 15.35 6.52
C HIS C 150 31.20 13.83 6.76
N SER C 151 30.32 13.04 6.12
CA SER C 151 30.47 11.55 5.99
C SER C 151 31.50 11.23 4.89
N HIS C 152 31.73 12.17 3.97
CA HIS C 152 32.44 11.92 2.69
C HIS C 152 33.70 12.79 2.58
N GLU C 153 33.75 13.95 3.23
CA GLU C 153 34.95 14.81 3.23
C GLU C 153 35.07 15.59 4.56
N ALA C 154 36.20 16.26 4.77
CA ALA C 154 36.57 16.85 6.08
C ALA C 154 36.45 18.36 6.00
N SER C 155 36.18 19.00 7.13
CA SER C 155 36.44 20.44 7.38
C SER C 155 37.41 20.58 8.56
N LEU C 156 38.12 21.71 8.62
CA LEU C 156 38.93 22.15 9.79
C LEU C 156 38.08 22.04 11.06
N PHE C 157 38.70 21.61 12.16
CA PHE C 157 38.24 21.87 13.55
C PHE C 157 37.03 20.99 13.90
N LYS C 158 36.79 19.92 13.12
CA LYS C 158 35.63 19.01 13.33
C LYS C 158 36.07 17.55 13.25
N ALA C 159 37.22 17.20 13.84
CA ALA C 159 37.76 15.82 13.82
C ALA C 159 36.72 14.82 14.33
N PRO C 160 36.13 14.92 15.53
CA PRO C 160 35.28 13.84 16.03
C PRO C 160 33.98 13.71 15.23
N TYR C 161 33.42 14.84 14.82
CA TYR C 161 32.20 14.94 13.98
C TYR C 161 32.45 14.23 12.65
N VAL C 162 33.56 14.57 11.98
CA VAL C 162 33.85 14.02 10.63
C VAL C 162 34.13 12.51 10.78
N THR C 163 34.83 12.13 11.86
CA THR C 163 35.09 10.72 12.20
C THR C 163 33.73 10.02 12.33
N ALA C 164 32.85 10.52 13.17
CA ALA C 164 31.57 9.87 13.49
C ALA C 164 30.71 9.76 12.22
N LYS C 165 30.62 10.82 11.42
CA LYS C 165 29.74 10.82 10.24
C LYS C 165 30.29 9.84 9.18
N HIS C 166 31.60 9.72 9.03
CA HIS C 166 32.25 8.70 8.15
C HIS C 166 31.89 7.32 8.70
N GLY C 167 31.95 7.14 10.02
CA GLY C 167 31.64 5.86 10.67
C GLY C 167 30.21 5.40 10.37
N LEU C 168 29.25 6.31 10.35
CA LEU C 168 27.82 5.97 10.11
C LEU C 168 27.65 5.32 8.74
N LEU C 169 28.41 5.72 7.71
CA LEU C 169 28.42 4.98 6.42
C LEU C 169 28.73 3.51 6.68
N GLY C 170 29.79 3.21 7.43
CA GLY C 170 30.25 1.83 7.65
C GLY C 170 29.18 1.02 8.39
N LEU C 171 28.56 1.60 9.42
CA LEU C 171 27.50 0.92 10.20
C LEU C 171 26.31 0.60 9.27
N CYS C 172 25.91 1.57 8.44
CA CYS C 172 24.79 1.43 7.48
C CYS C 172 25.10 0.29 6.50
N ARG C 173 26.33 0.23 6.01
CA ARG C 173 26.73 -0.78 4.99
C ARG C 173 26.68 -2.17 5.62
N VAL C 174 27.09 -2.29 6.88
CA VAL C 174 27.03 -3.61 7.57
C VAL C 174 25.54 -3.99 7.76
N LEU C 175 24.71 -3.08 8.28
CA LEU C 175 23.26 -3.37 8.45
C LEU C 175 22.61 -3.78 7.13
N ALA C 176 22.98 -3.16 6.00
CA ALA C 176 22.38 -3.50 4.68
C ALA C 176 22.60 -5.00 4.44
N LYS C 177 23.80 -5.50 4.77
CA LYS C 177 24.19 -6.92 4.50
C LYS C 177 23.47 -7.81 5.52
N GLU C 178 23.58 -7.50 6.81
CA GLU C 178 23.01 -8.35 7.90
C GLU C 178 21.49 -8.38 7.85
N GLY C 179 20.85 -7.23 7.54
CA GLY C 179 19.39 -7.04 7.65
C GLY C 179 18.62 -7.67 6.50
N ALA C 180 19.27 -7.92 5.37
CA ALA C 180 18.58 -8.28 4.10
C ALA C 180 17.68 -9.50 4.33
N VAL C 181 18.18 -10.52 5.01
CA VAL C 181 17.45 -11.82 5.18
C VAL C 181 16.23 -11.59 6.08
N HIS C 182 16.20 -10.47 6.81
CA HIS C 182 15.10 -10.10 7.73
C HIS C 182 14.23 -8.97 7.18
N ASN C 183 14.38 -8.60 5.91
CA ASN C 183 13.63 -7.49 5.25
C ASN C 183 13.92 -6.15 5.94
N VAL C 184 15.13 -5.96 6.44
CA VAL C 184 15.60 -4.64 6.97
C VAL C 184 16.52 -3.98 5.93
N ARG C 185 16.20 -2.74 5.61
CA ARG C 185 17.00 -1.88 4.70
C ARG C 185 17.56 -0.73 5.52
N SER C 186 18.71 -0.22 5.09
CA SER C 186 19.46 0.86 5.75
C SER C 186 19.80 1.95 4.72
N HIS C 187 19.92 3.18 5.19
CA HIS C 187 20.28 4.33 4.33
C HIS C 187 21.02 5.34 5.21
N VAL C 188 21.79 6.19 4.56
CA VAL C 188 22.34 7.42 5.20
C VAL C 188 21.93 8.61 4.36
N ILE C 189 21.30 9.60 4.97
CA ILE C 189 21.07 10.94 4.37
C ILE C 189 22.26 11.82 4.76
N CYS C 190 22.81 12.57 3.79
CA CYS C 190 24.02 13.41 3.98
C CYS C 190 23.72 14.85 3.58
N PRO C 191 23.13 15.66 4.48
CA PRO C 191 22.83 17.07 4.20
C PRO C 191 24.13 17.89 4.11
N GLY C 192 24.08 18.97 3.32
CA GLY C 192 24.97 20.13 3.50
C GLY C 192 24.55 20.95 4.69
N PHE C 193 25.00 22.19 4.77
CA PHE C 193 24.63 23.11 5.88
C PHE C 193 23.11 23.34 5.79
N VAL C 194 22.46 23.22 6.96
CA VAL C 194 21.01 23.52 7.15
C VAL C 194 20.90 24.52 8.30
N LYS C 195 20.14 25.59 8.14
CA LYS C 195 20.04 26.66 9.17
C LYS C 195 19.13 26.19 10.30
N THR C 196 19.55 25.18 11.06
CA THR C 196 18.93 24.78 12.35
C THR C 196 19.62 25.54 13.49
N PRO C 197 19.18 25.39 14.75
CA PRO C 197 19.96 25.90 15.90
C PRO C 197 21.40 25.38 16.03
N LEU C 198 21.66 24.13 15.63
CA LEU C 198 23.03 23.57 15.40
C LEU C 198 23.93 24.59 14.68
N VAL C 199 23.42 25.22 13.62
CA VAL C 199 24.21 26.02 12.63
C VAL C 199 24.08 27.52 12.96
N GLU C 200 22.89 27.98 13.35
CA GLU C 200 22.60 29.36 13.81
C GLU C 200 23.65 29.73 14.87
N LYS C 201 23.88 28.83 15.83
CA LYS C 201 24.90 28.99 16.90
C LYS C 201 26.27 29.24 16.26
N GLN C 202 26.68 28.39 15.31
CA GLN C 202 28.03 28.37 14.69
C GLN C 202 28.34 29.74 14.05
N ILE C 203 27.35 30.41 13.46
CA ILE C 203 27.61 31.48 12.45
C ILE C 203 28.32 32.66 13.12
N PRO C 204 27.84 33.20 14.28
CA PRO C 204 28.66 34.11 15.09
C PRO C 204 29.25 33.46 16.35
N VAL C 217 31.35 34.15 6.48
CA VAL C 217 31.19 32.84 7.18
C VAL C 217 30.24 31.96 6.37
N VAL C 218 29.08 32.49 5.98
CA VAL C 218 28.03 31.76 5.20
C VAL C 218 28.52 31.55 3.76
N ASN C 219 28.96 32.62 3.08
CA ASN C 219 29.21 32.62 1.61
C ASN C 219 30.60 32.06 1.29
N ASP C 220 31.59 32.39 2.11
CA ASP C 220 33.02 32.14 1.81
C ASP C 220 33.53 30.98 2.67
N ILE C 221 32.77 30.51 3.65
CA ILE C 221 33.10 29.29 4.45
C ILE C 221 32.01 28.22 4.29
N MET C 222 30.80 28.44 4.80
CA MET C 222 29.81 27.33 4.91
C MET C 222 29.36 26.90 3.51
N LEU C 223 29.11 27.84 2.60
CA LEU C 223 28.45 27.56 1.29
C LEU C 223 29.45 27.66 0.13
N VAL C 224 30.74 27.76 0.48
CA VAL C 224 31.83 28.03 -0.49
C VAL C 224 31.89 26.90 -1.52
N ASN C 225 31.58 25.66 -1.15
CA ASN C 225 31.73 24.50 -2.06
C ASN C 225 30.39 24.05 -2.63
N THR C 226 29.31 24.80 -2.39
CA THR C 226 28.05 24.60 -3.14
C THR C 226 28.24 25.22 -4.51
N VAL C 227 27.47 24.77 -5.49
CA VAL C 227 27.55 25.28 -6.88
C VAL C 227 26.68 26.54 -7.00
N ASP C 228 25.80 26.79 -6.04
CA ASP C 228 24.75 27.83 -6.20
C ASP C 228 24.61 28.71 -4.95
N LYS C 229 25.50 28.57 -3.96
CA LYS C 229 25.46 29.33 -2.69
C LYS C 229 24.08 29.20 -2.02
N GLU C 230 23.56 27.98 -1.89
CA GLU C 230 22.24 27.73 -1.23
C GLU C 230 22.42 26.81 -0.03
N PHE C 231 21.83 27.17 1.10
CA PHE C 231 21.63 26.23 2.23
C PHE C 231 20.75 25.09 1.75
N THR C 232 21.01 23.89 2.27
CA THR C 232 20.03 22.79 2.33
C THR C 232 18.96 23.14 3.38
N THR C 233 17.71 22.72 3.17
CA THR C 233 16.60 23.08 4.09
C THR C 233 16.13 21.82 4.83
N VAL C 234 15.45 22.02 5.96
CA VAL C 234 14.85 20.91 6.75
C VAL C 234 13.80 20.21 5.87
N ASP C 235 13.11 20.94 4.99
CA ASP C 235 12.10 20.31 4.09
C ASP C 235 12.77 19.45 3.02
N ASP C 236 13.92 19.85 2.48
CA ASP C 236 14.73 19.00 1.54
C ASP C 236 14.94 17.63 2.21
N ILE C 237 15.44 17.62 3.44
CA ILE C 237 15.82 16.37 4.16
C ILE C 237 14.57 15.59 4.56
N ALA C 238 13.50 16.26 5.02
CA ALA C 238 12.23 15.58 5.39
C ALA C 238 11.58 14.92 4.15
N GLN C 239 11.62 15.57 2.99
CA GLN C 239 11.09 14.97 1.74
C GLN C 239 11.92 13.72 1.41
N LEU C 240 13.25 13.83 1.40
CA LEU C 240 14.13 12.67 1.14
C LEU C 240 13.84 11.57 2.17
N ALA C 241 13.67 11.88 3.45
CA ALA C 241 13.40 10.86 4.50
C ALA C 241 12.05 10.16 4.27
N LEU C 242 11.03 10.90 3.79
CA LEU C 242 9.70 10.35 3.47
C LEU C 242 9.81 9.47 2.21
N PHE C 243 10.46 9.95 1.16
CA PHE C 243 10.69 9.16 -0.08
C PHE C 243 11.32 7.80 0.26
N LEU C 244 12.35 7.78 1.11
CA LEU C 244 13.03 6.53 1.49
C LEU C 244 12.10 5.67 2.38
N ALA C 245 11.47 6.25 3.39
CA ALA C 245 10.68 5.46 4.38
C ALA C 245 9.47 4.83 3.68
N ALA C 246 8.91 5.49 2.66
CA ALA C 246 7.69 5.05 1.99
C ALA C 246 8.03 4.22 0.74
N PHE C 247 9.31 4.08 0.40
CA PHE C 247 9.70 3.46 -0.89
C PHE C 247 9.23 2.01 -0.86
N PRO C 248 8.62 1.52 -1.96
CA PRO C 248 7.97 0.22 -1.91
C PRO C 248 8.88 -1.01 -2.02
N THR C 249 10.15 -0.82 -2.42
CA THR C 249 11.17 -1.90 -2.48
C THR C 249 12.40 -1.54 -1.62
N ASN C 250 13.33 -2.49 -1.52
CA ASN C 250 14.58 -2.36 -0.73
C ASN C 250 15.73 -1.89 -1.65
N VAL C 251 15.41 -1.30 -2.79
CA VAL C 251 16.41 -1.03 -3.86
C VAL C 251 17.52 -0.09 -3.35
N PHE C 252 17.23 0.83 -2.43
CA PHE C 252 18.22 1.82 -1.90
C PHE C 252 19.01 1.30 -0.68
N THR C 253 18.81 0.05 -0.27
CA THR C 253 19.49 -0.48 0.95
C THR C 253 21.01 -0.30 0.83
N GLY C 254 21.64 0.18 1.91
CA GLY C 254 23.10 0.34 2.02
C GLY C 254 23.59 1.66 1.44
N GLN C 255 22.72 2.44 0.79
CA GLN C 255 23.13 3.65 0.04
C GLN C 255 23.23 4.87 0.97
N SER C 256 24.12 5.78 0.63
CA SER C 256 24.08 7.18 1.12
C SER C 256 23.62 8.08 -0.05
N ILE C 257 22.86 9.12 0.28
CA ILE C 257 22.40 10.13 -0.70
C ILE C 257 22.77 11.51 -0.16
N VAL C 258 23.50 12.28 -0.96
CA VAL C 258 24.04 13.59 -0.53
C VAL C 258 23.09 14.65 -1.05
N ALA C 259 22.71 15.55 -0.14
CA ALA C 259 21.69 16.59 -0.36
C ALA C 259 22.30 17.92 0.05
N SER C 260 23.14 18.50 -0.81
CA SER C 260 24.13 19.53 -0.40
C SER C 260 24.28 20.68 -1.40
N HIS C 261 23.42 20.80 -2.41
CA HIS C 261 23.59 21.84 -3.47
C HIS C 261 25.00 21.74 -4.10
N GLY C 262 25.49 20.53 -4.31
CA GLY C 262 26.69 20.27 -5.12
C GLY C 262 27.97 20.27 -4.32
N TRP C 263 27.88 20.33 -2.99
CA TRP C 263 29.05 20.21 -2.09
C TRP C 263 29.32 18.72 -1.83
N PHE C 264 30.34 18.19 -2.50
CA PHE C 264 30.70 16.76 -2.62
C PHE C 264 29.67 16.09 -3.53
N MET C 265 30.12 15.76 -4.75
CA MET C 265 29.26 15.09 -5.74
C MET C 265 29.55 13.60 -5.75
N ASN C 266 28.65 12.85 -5.12
CA ASN C 266 28.82 11.43 -4.74
C ASN C 266 28.52 10.53 -5.95
N ALA D 2 6.39 20.49 8.86
CA ALA D 2 5.92 19.26 8.23
C ALA D 2 5.81 19.50 6.72
N THR D 3 6.11 18.48 5.91
CA THR D 3 6.09 18.64 4.44
C THR D 3 5.60 17.35 3.81
N GLN D 4 5.72 17.24 2.49
CA GLN D 4 5.14 16.13 1.70
C GLN D 4 5.93 16.05 0.40
N LEU D 5 5.78 14.96 -0.35
CA LEU D 5 6.45 14.77 -1.65
C LEU D 5 5.78 15.63 -2.74
N GLN D 6 6.57 16.15 -3.65
CA GLN D 6 6.09 16.84 -4.86
C GLN D 6 6.27 15.88 -6.05
N GLN D 7 5.27 15.79 -6.91
CA GLN D 7 5.39 14.93 -8.13
C GLN D 7 4.62 15.51 -9.30
N ASP D 8 4.09 16.73 -9.20
CA ASP D 8 3.31 17.34 -10.31
C ASP D 8 4.27 17.86 -11.39
N LEU D 9 4.14 17.43 -12.64
CA LEU D 9 4.97 17.92 -13.78
C LEU D 9 4.07 18.64 -14.80
N THR D 10 2.88 19.05 -14.38
CA THR D 10 1.94 19.87 -15.19
C THR D 10 2.66 21.13 -15.66
N GLY D 11 2.53 21.43 -16.96
CA GLY D 11 3.15 22.61 -17.57
C GLY D 11 4.61 22.37 -17.95
N LYS D 12 5.17 21.18 -17.69
CA LYS D 12 6.59 20.86 -18.04
C LYS D 12 6.64 19.99 -19.30
N VAL D 13 7.79 20.04 -19.94
CA VAL D 13 8.08 19.32 -21.21
C VAL D 13 9.37 18.54 -20.99
N ALA D 14 9.28 17.23 -21.15
CA ALA D 14 10.44 16.34 -20.98
C ALA D 14 10.79 15.73 -22.32
N LEU D 15 12.08 15.55 -22.55
CA LEU D 15 12.62 14.68 -23.63
C LEU D 15 13.30 13.48 -22.99
N VAL D 16 12.89 12.28 -23.36
CA VAL D 16 13.53 11.04 -22.90
C VAL D 16 14.13 10.31 -24.11
N THR D 17 15.45 10.10 -24.15
CA THR D 17 16.07 9.30 -25.24
C THR D 17 15.98 7.81 -24.89
N GLY D 18 15.90 6.98 -25.90
CA GLY D 18 15.69 5.52 -25.75
C GLY D 18 14.36 5.21 -25.10
N ALA D 19 13.32 6.03 -25.33
CA ALA D 19 12.04 5.96 -24.57
C ALA D 19 11.06 5.00 -25.25
N ALA D 20 11.45 4.32 -26.33
CA ALA D 20 10.57 3.33 -26.99
C ALA D 20 10.56 2.00 -26.23
N SER D 21 11.44 1.79 -25.25
CA SER D 21 11.67 0.46 -24.62
C SER D 21 12.09 0.64 -23.16
N GLY D 22 11.91 -0.41 -22.35
CA GLY D 22 12.58 -0.58 -21.05
C GLY D 22 12.47 0.66 -20.15
N ILE D 23 13.59 1.02 -19.53
CA ILE D 23 13.66 2.03 -18.46
C ILE D 23 13.13 3.38 -18.99
N GLY D 24 13.57 3.77 -20.18
CA GLY D 24 13.22 5.07 -20.80
C GLY D 24 11.72 5.15 -21.01
N ARG D 25 11.12 4.05 -21.48
CA ARG D 25 9.65 4.00 -21.71
C ARG D 25 8.89 4.19 -20.37
N ASP D 26 9.30 3.51 -19.30
CA ASP D 26 8.61 3.65 -18.00
C ASP D 26 8.77 5.10 -17.54
N ILE D 27 9.97 5.69 -17.68
CA ILE D 27 10.21 7.09 -17.25
C ILE D 27 9.27 8.02 -18.04
N ALA D 28 9.21 7.88 -19.36
CA ALA D 28 8.34 8.70 -20.24
C ALA D 28 6.88 8.57 -19.80
N GLU D 29 6.36 7.36 -19.64
CA GLU D 29 4.93 7.15 -19.30
CA GLU D 29 4.95 7.11 -19.27
C GLU D 29 4.66 7.72 -17.90
N THR D 30 5.62 7.62 -16.97
CA THR D 30 5.52 8.13 -15.58
C THR D 30 5.47 9.67 -15.59
N TYR D 31 6.36 10.29 -16.34
CA TYR D 31 6.37 11.77 -16.52
C TYR D 31 5.01 12.21 -17.11
N ALA D 32 4.50 11.50 -18.11
CA ALA D 32 3.22 11.85 -18.81
C ALA D 32 2.06 11.71 -17.83
N LYS D 33 2.02 10.65 -17.02
CA LYS D 33 0.96 10.51 -15.98
CA LYS D 33 0.98 10.49 -15.96
C LYS D 33 1.05 11.69 -15.01
N ALA D 34 2.25 12.21 -14.72
CA ALA D 34 2.47 13.32 -13.77
C ALA D 34 2.11 14.67 -14.41
N GLY D 35 1.71 14.67 -15.68
CA GLY D 35 1.25 15.90 -16.35
C GLY D 35 2.22 16.44 -17.39
N ALA D 36 3.43 15.90 -17.51
CA ALA D 36 4.40 16.48 -18.48
C ALA D 36 3.99 16.08 -19.89
N ALA D 37 4.26 16.95 -20.87
CA ALA D 37 4.29 16.61 -22.31
C ALA D 37 5.66 15.97 -22.61
N VAL D 38 5.69 14.78 -23.20
CA VAL D 38 6.96 14.01 -23.25
C VAL D 38 7.35 13.79 -24.71
N GLY D 39 8.59 14.13 -25.07
CA GLY D 39 9.19 13.69 -26.34
C GLY D 39 9.71 12.28 -26.20
N ILE D 40 9.17 11.33 -26.96
CA ILE D 40 9.67 9.93 -27.04
C ILE D 40 10.74 9.86 -28.14
N ALA D 41 12.01 10.06 -27.80
CA ALA D 41 13.13 10.10 -28.76
C ALA D 41 13.78 8.71 -28.83
N ASP D 42 13.81 8.14 -30.03
CA ASP D 42 14.33 6.78 -30.24
C ASP D 42 14.78 6.66 -31.69
N ILE D 43 15.70 5.75 -31.91
CA ILE D 43 16.19 5.43 -33.28
C ILE D 43 15.08 4.63 -33.97
N ASN D 44 14.26 3.95 -33.18
CA ASN D 44 13.16 3.08 -33.67
C ASN D 44 11.86 3.91 -33.62
N LEU D 45 11.56 4.65 -34.70
CA LEU D 45 10.43 5.63 -34.74
C LEU D 45 9.10 4.92 -34.52
N GLU D 46 8.96 3.72 -35.08
CA GLU D 46 7.78 2.85 -34.96
C GLU D 46 7.50 2.53 -33.49
N ALA D 47 8.49 1.99 -32.78
CA ALA D 47 8.34 1.63 -31.35
C ALA D 47 8.09 2.94 -30.58
N ALA D 48 8.64 4.08 -31.05
CA ALA D 48 8.44 5.38 -30.38
C ALA D 48 6.97 5.79 -30.50
N GLN D 49 6.37 5.68 -31.69
CA GLN D 49 4.93 6.04 -31.91
C GLN D 49 4.01 5.07 -31.15
N LYS D 50 4.34 3.79 -31.02
CA LYS D 50 3.58 2.84 -30.18
C LYS D 50 3.52 3.38 -28.74
N THR D 51 4.64 3.87 -28.21
CA THR D 51 4.71 4.43 -26.85
C THR D 51 3.84 5.69 -26.80
N VAL D 52 3.93 6.55 -27.81
CA VAL D 52 3.09 7.80 -27.89
C VAL D 52 1.61 7.40 -27.86
N ASP D 53 1.23 6.39 -28.63
CA ASP D 53 -0.18 5.94 -28.73
C ASP D 53 -0.69 5.55 -27.34
N ALA D 54 0.09 4.79 -26.56
CA ALA D 54 -0.26 4.38 -25.18
C ALA D 54 -0.44 5.63 -24.30
N ILE D 55 0.54 6.54 -24.30
CA ILE D 55 0.51 7.75 -23.44
C ILE D 55 -0.75 8.57 -23.78
N GLU D 56 -1.07 8.76 -25.07
CA GLU D 56 -2.24 9.56 -25.53
CA GLU D 56 -2.24 9.59 -25.47
C GLU D 56 -3.55 8.88 -25.10
N ALA D 57 -3.64 7.56 -25.28
CA ALA D 57 -4.84 6.78 -24.92
C ALA D 57 -5.04 6.85 -23.40
N ALA D 58 -3.94 6.96 -22.64
CA ALA D 58 -3.97 7.01 -21.16
C ALA D 58 -4.25 8.43 -20.68
N GLY D 59 -4.45 9.39 -21.59
CA GLY D 59 -4.85 10.74 -21.17
C GLY D 59 -3.70 11.73 -21.18
N GLY D 60 -2.55 11.38 -21.75
CA GLY D 60 -1.34 12.21 -21.66
C GLY D 60 -1.00 12.85 -23.00
N ARG D 61 0.06 13.64 -23.04
CA ARG D 61 0.56 14.29 -24.28
C ARG D 61 2.00 13.83 -24.55
N ALA D 62 2.28 13.42 -25.78
CA ALA D 62 3.60 12.90 -26.19
C ALA D 62 3.78 13.12 -27.69
N LEU D 63 5.02 13.07 -28.14
CA LEU D 63 5.42 13.26 -29.56
C LEU D 63 6.51 12.24 -29.86
N ALA D 64 6.38 11.45 -30.93
CA ALA D 64 7.42 10.47 -31.38
C ALA D 64 8.51 11.26 -32.12
N ILE D 65 9.77 11.15 -31.68
CA ILE D 65 10.91 11.87 -32.31
C ILE D 65 11.94 10.86 -32.79
N ALA D 66 12.13 10.77 -34.11
CA ALA D 66 13.22 9.97 -34.73
C ALA D 66 14.56 10.62 -34.37
N MET D 67 15.39 9.94 -33.56
CA MET D 67 16.65 10.52 -33.06
C MET D 67 17.66 9.41 -32.78
N ASP D 68 18.62 9.29 -33.70
CA ASP D 68 19.93 8.64 -33.47
C ASP D 68 20.79 9.61 -32.64
N VAL D 69 20.96 9.33 -31.35
CA VAL D 69 21.64 10.26 -30.41
C VAL D 69 23.13 10.39 -30.77
N THR D 70 23.68 9.59 -31.68
CA THR D 70 25.10 9.73 -32.12
C THR D 70 25.23 10.84 -33.17
N SER D 71 24.10 11.29 -33.73
CA SER D 71 24.07 12.30 -34.82
C SER D 71 23.77 13.70 -34.28
N GLU D 72 24.71 14.62 -34.46
CA GLU D 72 24.54 16.03 -34.07
C GLU D 72 23.26 16.62 -34.72
N ALA D 73 23.10 16.47 -36.03
CA ALA D 73 21.93 17.05 -36.75
C ALA D 73 20.63 16.41 -36.26
N ALA D 74 20.60 15.08 -36.04
CA ALA D 74 19.38 14.40 -35.54
C ALA D 74 19.00 14.94 -34.16
N VAL D 75 19.98 15.07 -33.26
CA VAL D 75 19.71 15.57 -31.88
C VAL D 75 19.20 17.01 -31.96
N ASN D 76 19.91 17.88 -32.67
CA ASN D 76 19.50 19.30 -32.79
C ASN D 76 18.08 19.38 -33.38
N ASP D 77 17.83 18.71 -34.50
CA ASP D 77 16.48 18.74 -35.16
C ASP D 77 15.41 18.23 -34.18
N GLY D 78 15.68 17.16 -33.44
CA GLY D 78 14.68 16.54 -32.56
C GLY D 78 14.30 17.45 -31.40
N VAL D 79 15.31 18.03 -30.75
CA VAL D 79 15.10 19.01 -29.64
C VAL D 79 14.32 20.21 -30.19
N GLN D 80 14.66 20.70 -31.39
CA GLN D 80 13.86 21.83 -32.00
C GLN D 80 12.41 21.38 -32.26
N ARG D 81 12.16 20.15 -32.75
CA ARG D 81 10.77 19.63 -32.96
CA ARG D 81 10.76 19.67 -32.97
C ARG D 81 10.02 19.70 -31.63
N LEU D 82 10.62 19.22 -30.54
CA LEU D 82 9.98 19.21 -29.19
C LEU D 82 9.62 20.64 -28.79
N VAL D 83 10.58 21.55 -28.90
CA VAL D 83 10.40 22.96 -28.48
C VAL D 83 9.31 23.63 -29.35
N ASP D 84 9.32 23.33 -30.64
CA ASP D 84 8.34 23.86 -31.63
C ASP D 84 6.93 23.31 -31.32
N THR D 85 6.81 22.06 -30.87
CA THR D 85 5.50 21.44 -30.57
C THR D 85 4.97 21.88 -29.20
N PHE D 86 5.78 21.87 -28.15
CA PHE D 86 5.27 21.96 -26.75
C PHE D 86 5.76 23.24 -26.06
N GLY D 87 6.57 24.05 -26.73
CA GLY D 87 6.86 25.45 -26.31
C GLY D 87 8.19 25.57 -25.58
N GLY D 88 8.88 24.47 -25.29
CA GLY D 88 10.08 24.50 -24.44
C GLY D 88 10.56 23.12 -24.08
N ILE D 89 11.66 23.06 -23.33
CA ILE D 89 12.17 21.77 -22.77
C ILE D 89 12.64 22.06 -21.33
N ASP D 90 11.97 21.44 -20.35
CA ASP D 90 12.25 21.60 -18.89
C ASP D 90 13.14 20.45 -18.40
N ILE D 91 13.01 19.27 -18.99
CA ILE D 91 13.63 18.02 -18.45
C ILE D 91 14.23 17.25 -19.61
N LEU D 92 15.50 16.85 -19.49
CA LEU D 92 16.14 15.90 -20.42
C LEU D 92 16.52 14.67 -19.61
N VAL D 93 16.19 13.49 -20.13
CA VAL D 93 16.70 12.21 -19.62
C VAL D 93 17.51 11.58 -20.75
N SER D 94 18.83 11.53 -20.60
CA SER D 94 19.77 10.90 -21.57
C SER D 94 19.92 9.42 -21.20
N ASN D 95 19.19 8.55 -21.88
CA ASN D 95 18.99 7.15 -21.43
C ASN D 95 19.35 6.14 -22.52
N ALA D 96 19.27 6.50 -23.80
CA ALA D 96 19.60 5.58 -24.92
C ALA D 96 20.95 4.93 -24.64
N GLY D 97 21.01 3.61 -24.80
CA GLY D 97 22.19 2.78 -24.54
C GLY D 97 22.09 1.45 -25.26
N ILE D 98 23.24 0.82 -25.52
CA ILE D 98 23.34 -0.59 -25.97
C ILE D 98 24.46 -1.24 -25.14
N GLN D 99 24.57 -2.57 -25.24
CA GLN D 99 25.65 -3.35 -24.60
C GLN D 99 26.33 -4.18 -25.70
N ILE D 100 27.66 -4.18 -25.72
CA ILE D 100 28.52 -5.08 -26.56
C ILE D 100 29.55 -5.71 -25.65
N ILE D 101 29.49 -7.04 -25.52
CA ILE D 101 30.30 -7.83 -24.56
C ILE D 101 31.49 -8.47 -25.30
N ASP D 102 32.71 -8.18 -24.83
CA ASP D 102 33.96 -8.79 -25.31
C ASP D 102 35.07 -8.37 -24.35
N PRO D 103 36.01 -9.29 -24.05
CA PRO D 103 37.23 -8.90 -23.36
C PRO D 103 38.03 -7.90 -24.19
N ILE D 104 38.74 -7.00 -23.51
CA ILE D 104 39.54 -5.92 -24.15
C ILE D 104 40.41 -6.52 -25.27
N HIS D 105 41.07 -7.65 -25.04
CA HIS D 105 42.06 -8.20 -26.02
C HIS D 105 41.37 -8.71 -27.29
N LYS D 106 40.06 -8.97 -27.26
CA LYS D 106 39.27 -9.45 -28.43
C LYS D 106 38.38 -8.33 -29.00
N MET D 107 38.14 -7.25 -28.26
CA MET D 107 37.09 -6.27 -28.63
C MET D 107 37.50 -5.55 -29.93
N ALA D 108 36.59 -5.46 -30.88
CA ALA D 108 36.79 -4.68 -32.13
C ALA D 108 36.75 -3.19 -31.77
N PHE D 109 37.67 -2.44 -32.35
CA PHE D 109 37.78 -0.98 -32.14
C PHE D 109 36.45 -0.33 -32.54
N GLU D 110 35.79 -0.83 -33.59
CA GLU D 110 34.55 -0.17 -34.07
CA GLU D 110 34.52 -0.24 -34.12
C GLU D 110 33.44 -0.37 -33.03
N ASP D 111 33.49 -1.46 -32.29
CA ASP D 111 32.51 -1.73 -31.19
C ASP D 111 32.79 -0.75 -30.03
N TRP D 112 34.07 -0.59 -29.67
CA TRP D 112 34.52 0.42 -28.68
C TRP D 112 33.93 1.79 -29.05
N LYS D 113 34.18 2.27 -30.26
CA LYS D 113 33.77 3.63 -30.65
CA LYS D 113 33.76 3.61 -30.74
C LYS D 113 32.23 3.74 -30.69
N LYS D 114 31.53 2.71 -31.15
CA LYS D 114 30.06 2.75 -31.26
C LYS D 114 29.48 2.89 -29.85
N MET D 115 30.00 2.12 -28.90
CA MET D 115 29.59 2.21 -27.46
C MET D 115 29.80 3.63 -26.95
N LEU D 116 30.98 4.21 -27.15
CA LEU D 116 31.24 5.56 -26.62
C LEU D 116 30.35 6.57 -27.35
N ALA D 117 30.09 6.38 -28.64
CA ALA D 117 29.29 7.35 -29.43
C ALA D 117 27.87 7.44 -28.86
N ILE D 118 27.24 6.30 -28.57
CA ILE D 118 25.82 6.26 -28.07
C ILE D 118 25.78 6.78 -26.63
N HIS D 119 26.65 6.29 -25.74
CA HIS D 119 26.59 6.58 -24.28
C HIS D 119 27.13 7.98 -24.03
N LEU D 120 28.28 8.33 -24.61
CA LEU D 120 28.96 9.62 -24.29
C LEU D 120 28.60 10.72 -25.30
N ASP D 121 28.81 10.51 -26.60
CA ASP D 121 28.41 11.53 -27.60
C ASP D 121 26.92 11.85 -27.42
N GLY D 122 26.07 10.84 -27.25
CA GLY D 122 24.63 11.04 -27.03
C GLY D 122 24.34 11.97 -25.87
N ALA D 123 25.02 11.77 -24.74
CA ALA D 123 24.86 12.60 -23.53
C ALA D 123 25.34 14.03 -23.81
N PHE D 124 26.49 14.19 -24.45
CA PHE D 124 26.99 15.55 -24.77
C PHE D 124 25.97 16.26 -25.69
N LEU D 125 25.67 15.64 -26.83
CA LEU D 125 24.86 16.28 -27.90
C LEU D 125 23.50 16.69 -27.35
N THR D 126 22.80 15.79 -26.64
CA THR D 126 21.45 16.09 -26.11
C THR D 126 21.54 17.13 -24.98
N THR D 127 22.58 17.08 -24.15
CA THR D 127 22.77 18.08 -23.07
C THR D 127 22.96 19.47 -23.70
N LYS D 128 23.92 19.61 -24.60
CA LYS D 128 24.26 20.90 -25.22
C LYS D 128 22.97 21.48 -25.86
N ALA D 129 22.26 20.68 -26.63
CA ALA D 129 21.07 21.16 -27.39
C ALA D 129 19.99 21.59 -26.37
N ALA D 130 19.77 20.81 -25.31
CA ALA D 130 18.77 21.12 -24.28
C ALA D 130 19.13 22.42 -23.54
N ILE D 131 20.38 22.60 -23.12
CA ILE D 131 20.71 23.70 -22.17
C ILE D 131 20.76 25.04 -22.93
N GLN D 132 20.88 25.01 -24.25
CA GLN D 132 20.68 26.18 -25.16
CA GLN D 132 20.76 26.27 -25.03
C GLN D 132 19.34 26.84 -24.82
N HIS D 133 18.31 26.01 -24.70
CA HIS D 133 16.91 26.42 -24.38
C HIS D 133 16.78 26.74 -22.89
N MET D 134 17.26 25.85 -22.02
CA MET D 134 17.11 26.00 -20.54
C MET D 134 17.82 27.27 -20.07
N TYR D 135 18.96 27.61 -20.68
CA TYR D 135 19.77 28.79 -20.26
C TYR D 135 19.06 30.09 -20.66
N LYS D 136 18.24 30.08 -21.69
CA LYS D 136 17.51 31.29 -22.17
C LYS D 136 16.70 31.89 -21.00
N ASP D 137 17.04 33.11 -20.58
CA ASP D 137 16.34 33.86 -19.51
C ASP D 137 16.49 33.13 -18.16
N ASP D 138 17.45 32.21 -18.06
CA ASP D 138 17.68 31.42 -16.83
C ASP D 138 16.38 30.75 -16.35
N LYS D 139 15.52 30.30 -17.28
CA LYS D 139 14.31 29.49 -16.95
C LYS D 139 14.79 28.21 -16.23
N GLY D 140 15.86 27.62 -16.73
CA GLY D 140 16.52 26.48 -16.08
C GLY D 140 15.84 25.17 -16.41
N GLY D 141 16.24 24.10 -15.73
CA GLY D 141 15.69 22.77 -16.04
C GLY D 141 16.50 21.67 -15.41
N THR D 142 16.11 20.43 -15.70
CA THR D 142 16.67 19.20 -15.08
C THR D 142 17.32 18.34 -16.17
N VAL D 143 18.56 17.91 -15.94
CA VAL D 143 19.21 16.91 -16.84
C VAL D 143 19.52 15.65 -16.03
N ILE D 144 18.94 14.52 -16.43
CA ILE D 144 19.20 13.21 -15.80
C ILE D 144 19.91 12.31 -16.81
N TYR D 145 21.04 11.73 -16.39
CA TYR D 145 21.79 10.70 -17.14
C TYR D 145 21.43 9.34 -16.56
N MET D 146 21.20 8.36 -17.41
CA MET D 146 21.10 6.95 -16.98
C MET D 146 22.49 6.34 -16.93
N GLY D 147 23.05 6.30 -15.72
CA GLY D 147 24.30 5.61 -15.40
C GLY D 147 24.05 4.14 -15.12
N SER D 148 24.80 3.57 -14.18
CA SER D 148 24.77 2.14 -13.82
C SER D 148 25.55 1.98 -12.51
N VAL D 149 25.42 0.83 -11.84
CA VAL D 149 26.44 0.38 -10.87
C VAL D 149 27.81 0.39 -11.57
N HIS D 150 27.82 0.18 -12.89
CA HIS D 150 29.05 0.20 -13.73
C HIS D 150 29.55 1.63 -13.96
N SER D 151 28.90 2.65 -13.38
CA SER D 151 29.49 4.01 -13.21
C SER D 151 30.56 3.97 -12.10
N HIS D 152 30.46 3.00 -11.18
CA HIS D 152 31.17 3.05 -9.87
C HIS D 152 32.13 1.86 -9.74
N GLU D 153 31.87 0.76 -10.46
CA GLU D 153 32.75 -0.43 -10.44
C GLU D 153 32.65 -1.18 -11.75
N ALA D 154 33.58 -2.14 -11.98
CA ALA D 154 33.75 -2.85 -13.26
C ALA D 154 33.10 -4.23 -13.17
N SER D 155 32.77 -4.81 -14.32
CA SER D 155 32.57 -6.27 -14.51
C SER D 155 33.42 -6.72 -15.71
N LEU D 156 33.80 -8.00 -15.75
CA LEU D 156 34.50 -8.62 -16.91
C LEU D 156 33.74 -8.32 -18.22
N PHE D 157 34.47 -8.08 -19.32
CA PHE D 157 33.99 -8.13 -20.72
C PHE D 157 33.10 -6.93 -21.05
N LYS D 158 33.17 -5.85 -20.25
CA LYS D 158 32.29 -4.66 -20.44
C LYS D 158 33.12 -3.38 -20.46
N ALA D 159 34.33 -3.40 -21.03
CA ALA D 159 35.25 -2.24 -20.98
C ALA D 159 34.60 -0.94 -21.45
N PRO D 160 34.02 -0.84 -22.68
CA PRO D 160 33.51 0.44 -23.15
C PRO D 160 32.24 0.88 -22.40
N TYR D 161 31.42 -0.07 -21.98
CA TYR D 161 30.21 0.20 -21.18
C TYR D 161 30.62 0.81 -19.84
N VAL D 162 31.51 0.13 -19.10
CA VAL D 162 32.03 0.63 -17.79
C VAL D 162 32.73 1.99 -17.98
N THR D 163 33.58 2.13 -18.99
CA THR D 163 34.26 3.40 -19.29
C THR D 163 33.17 4.48 -19.47
N ALA D 164 32.16 4.23 -20.33
CA ALA D 164 31.14 5.24 -20.68
C ALA D 164 30.34 5.62 -19.43
N LYS D 165 29.94 4.63 -18.63
CA LYS D 165 29.05 4.90 -17.48
C LYS D 165 29.85 5.63 -16.40
N HIS D 166 31.16 5.40 -16.31
CA HIS D 166 32.04 6.21 -15.42
C HIS D 166 32.07 7.65 -15.95
N GLY D 167 32.26 7.81 -17.26
CA GLY D 167 32.37 9.14 -17.89
C GLY D 167 31.16 10.00 -17.63
N LEU D 168 29.97 9.41 -17.61
CA LEU D 168 28.69 10.16 -17.39
C LEU D 168 28.72 10.83 -16.03
N LEU D 169 29.34 10.24 -14.99
CA LEU D 169 29.46 10.93 -13.67
C LEU D 169 30.22 12.24 -13.87
N GLY D 170 31.29 12.21 -14.65
CA GLY D 170 32.12 13.40 -14.87
C GLY D 170 31.34 14.48 -15.58
N LEU D 171 30.60 14.11 -16.65
CA LEU D 171 29.80 15.07 -17.44
C LEU D 171 28.75 15.71 -16.52
N CYS D 172 28.04 14.90 -15.77
CA CYS D 172 27.03 15.37 -14.78
C CYS D 172 27.67 16.40 -13.84
N ARG D 173 28.85 16.09 -13.30
CA ARG D 173 29.52 16.92 -12.26
C ARG D 173 29.94 18.27 -12.87
N VAL D 174 30.41 18.30 -14.12
CA VAL D 174 30.72 19.58 -14.82
C VAL D 174 29.42 20.39 -15.03
N LEU D 175 28.35 19.76 -15.52
CA LEU D 175 27.07 20.47 -15.78
C LEU D 175 26.50 21.01 -14.47
N ALA D 176 26.68 20.31 -13.34
CA ALA D 176 26.19 20.82 -12.05
C ALA D 176 26.84 22.20 -11.79
N LYS D 177 28.16 22.30 -12.03
CA LYS D 177 28.94 23.53 -11.79
C LYS D 177 28.54 24.59 -12.84
N GLU D 178 28.51 24.23 -14.11
CA GLU D 178 28.25 25.19 -15.21
C GLU D 178 26.79 25.64 -15.18
N GLY D 179 25.85 24.74 -14.87
CA GLY D 179 24.41 25.02 -15.01
C GLY D 179 23.85 25.88 -13.89
N ALA D 180 24.55 25.95 -12.75
CA ALA D 180 24.02 26.53 -11.50
C ALA D 180 23.56 27.98 -11.74
N VAL D 181 24.32 28.78 -12.46
CA VAL D 181 23.99 30.22 -12.64
C VAL D 181 22.75 30.35 -13.54
N HIS D 182 22.37 29.29 -14.29
CA HIS D 182 21.21 29.30 -15.23
C HIS D 182 20.08 28.43 -14.68
N ASN D 183 20.13 28.04 -13.40
CA ASN D 183 19.08 27.26 -12.70
C ASN D 183 18.93 25.90 -13.38
N VAL D 184 20.02 25.35 -13.89
CA VAL D 184 20.02 23.95 -14.41
C VAL D 184 20.72 23.01 -13.41
N ARG D 185 20.05 21.90 -13.11
CA ARG D 185 20.48 20.88 -12.13
C ARG D 185 20.67 19.56 -12.88
N SER D 186 21.64 18.75 -12.45
CA SER D 186 22.05 17.51 -13.16
C SER D 186 22.04 16.37 -12.16
N HIS D 187 21.74 15.16 -12.62
CA HIS D 187 21.79 13.95 -11.76
C HIS D 187 22.18 12.76 -12.62
N VAL D 188 22.74 11.73 -12.00
CA VAL D 188 22.92 10.39 -12.61
C VAL D 188 22.14 9.40 -11.76
N ILE D 189 21.25 8.65 -12.39
CA ILE D 189 20.65 7.46 -11.75
C ILE D 189 21.53 6.26 -12.10
N CYS D 190 21.88 5.41 -11.12
CA CYS D 190 22.77 4.24 -11.31
C CYS D 190 22.02 2.96 -10.92
N PRO D 191 21.23 2.35 -11.84
CA PRO D 191 20.59 1.07 -11.54
C PRO D 191 21.57 -0.11 -11.46
N GLY D 192 21.20 -1.13 -10.67
CA GLY D 192 21.71 -2.50 -10.85
C GLY D 192 21.04 -3.17 -12.02
N PHE D 193 21.07 -4.51 -12.06
CA PHE D 193 20.46 -5.30 -13.16
C PHE D 193 18.95 -5.12 -13.09
N VAL D 194 18.35 -4.76 -14.24
CA VAL D 194 16.89 -4.68 -14.49
C VAL D 194 16.54 -5.68 -15.58
N LYS D 195 15.51 -6.51 -15.42
CA LYS D 195 15.04 -7.45 -16.49
C LYS D 195 14.33 -6.72 -17.62
N THR D 196 15.01 -5.83 -18.35
CA THR D 196 14.55 -5.25 -19.65
C THR D 196 14.95 -6.18 -20.78
N PRO D 197 14.61 -5.85 -22.06
CA PRO D 197 15.23 -6.51 -23.23
C PRO D 197 16.77 -6.38 -23.33
N LEU D 198 17.33 -5.23 -22.97
CA LEU D 198 18.80 -4.97 -22.86
C LEU D 198 19.47 -6.08 -22.02
N VAL D 199 18.84 -6.44 -20.88
CA VAL D 199 18.97 -7.74 -20.16
C VAL D 199 17.82 -8.66 -20.66
N ASN D 219 21.60 -15.10 -10.25
CA ASN D 219 21.55 -15.31 -8.78
C ASN D 219 22.98 -15.57 -8.24
N ASP D 220 23.83 -16.23 -9.02
CA ASP D 220 25.23 -16.55 -8.63
C ASP D 220 26.19 -15.71 -9.48
N ILE D 221 25.72 -15.11 -10.58
CA ILE D 221 26.53 -14.20 -11.44
C ILE D 221 25.95 -12.78 -11.34
N MET D 222 24.74 -12.58 -11.87
CA MET D 222 24.17 -11.22 -12.11
C MET D 222 23.87 -10.56 -10.76
N LEU D 223 23.27 -11.30 -9.81
CA LEU D 223 22.72 -10.73 -8.55
C LEU D 223 23.65 -11.06 -7.38
N VAL D 224 24.83 -11.60 -7.68
CA VAL D 224 25.77 -12.17 -6.67
C VAL D 224 26.19 -11.06 -5.70
N ASN D 225 26.27 -9.79 -6.13
CA ASN D 225 26.74 -8.68 -5.25
C ASN D 225 25.59 -7.82 -4.70
N THR D 226 24.33 -8.19 -4.94
CA THR D 226 23.18 -7.64 -4.20
C THR D 226 23.19 -8.28 -2.80
N VAL D 227 22.56 -7.64 -1.82
CA VAL D 227 22.48 -8.20 -0.44
C VAL D 227 21.28 -9.16 -0.35
N ASP D 228 20.35 -9.09 -1.29
CA ASP D 228 19.01 -9.72 -1.12
C ASP D 228 18.59 -10.53 -2.35
N LYS D 229 19.44 -10.61 -3.38
CA LYS D 229 19.19 -11.41 -4.62
C LYS D 229 17.92 -10.91 -5.31
N GLU D 230 17.76 -9.59 -5.40
CA GLU D 230 16.62 -8.95 -6.10
C GLU D 230 17.13 -8.16 -7.29
N PHE D 231 16.37 -8.20 -8.38
CA PHE D 231 16.55 -7.29 -9.55
C PHE D 231 16.04 -5.91 -9.14
N THR D 232 16.69 -4.88 -9.68
CA THR D 232 16.13 -3.52 -9.73
C THR D 232 14.98 -3.52 -10.74
N THR D 233 13.94 -2.73 -10.54
CA THR D 233 12.78 -2.74 -11.48
C THR D 233 12.70 -1.43 -12.23
N VAL D 234 12.03 -1.46 -13.39
CA VAL D 234 11.73 -0.20 -14.15
C VAL D 234 10.95 0.77 -13.24
N ASP D 235 10.01 0.31 -12.40
CA ASP D 235 9.27 1.26 -11.54
C ASP D 235 10.19 1.86 -10.45
N ASP D 236 11.14 1.11 -9.90
CA ASP D 236 12.18 1.69 -9.00
C ASP D 236 12.80 2.93 -9.68
N ILE D 237 13.25 2.75 -10.91
CA ILE D 237 14.03 3.81 -11.62
C ILE D 237 13.09 4.95 -11.99
N ALA D 238 11.89 4.64 -12.47
CA ALA D 238 10.90 5.66 -12.86
C ALA D 238 10.49 6.48 -11.65
N GLN D 239 10.32 5.86 -10.49
CA GLN D 239 9.95 6.61 -9.25
C GLN D 239 11.09 7.58 -8.91
N LEU D 240 12.33 7.11 -8.95
CA LEU D 240 13.49 7.99 -8.64
C LEU D 240 13.53 9.14 -9.65
N ALA D 241 13.31 8.85 -10.95
CA ALA D 241 13.37 9.87 -12.04
C ALA D 241 12.29 10.94 -11.80
N LEU D 242 11.12 10.54 -11.33
CA LEU D 242 9.98 11.47 -11.01
C LEU D 242 10.28 12.29 -9.74
N PHE D 243 10.79 11.64 -8.69
CA PHE D 243 11.24 12.32 -7.44
C PHE D 243 12.23 13.43 -7.80
N LEU D 244 13.21 13.13 -8.65
CA LEU D 244 14.26 14.12 -9.01
C LEU D 244 13.62 15.20 -9.89
N ALA D 245 12.89 14.82 -10.95
CA ALA D 245 12.42 15.80 -11.96
C ALA D 245 11.44 16.77 -11.30
N ALA D 246 10.63 16.32 -10.33
CA ALA D 246 9.64 17.21 -9.66
C ALA D 246 10.21 17.87 -8.40
N PHE D 247 11.47 17.64 -8.02
CA PHE D 247 11.94 18.07 -6.67
C PHE D 247 11.87 19.60 -6.65
N PRO D 248 11.40 20.23 -5.55
CA PRO D 248 11.17 21.68 -5.57
C PRO D 248 12.44 22.52 -5.52
N THR D 249 13.57 21.95 -5.11
CA THR D 249 14.86 22.68 -4.99
C THR D 249 15.97 22.01 -5.81
N ASN D 250 17.13 22.66 -5.93
CA ASN D 250 18.28 22.13 -6.70
C ASN D 250 19.23 21.34 -5.77
N VAL D 251 18.76 20.88 -4.62
CA VAL D 251 19.63 20.32 -3.53
C VAL D 251 20.40 19.10 -4.04
N PHE D 252 19.88 18.32 -5.01
CA PHE D 252 20.50 17.06 -5.50
C PHE D 252 21.41 17.29 -6.71
N THR D 253 21.67 18.54 -7.08
CA THR D 253 22.43 18.84 -8.32
C THR D 253 23.85 18.22 -8.21
N GLY D 254 24.29 17.56 -9.27
CA GLY D 254 25.64 16.97 -9.38
C GLY D 254 25.70 15.57 -8.79
N GLN D 255 24.63 15.09 -8.15
CA GLN D 255 24.67 13.81 -7.38
C GLN D 255 24.40 12.63 -8.31
N SER D 256 25.02 11.50 -7.98
CA SER D 256 24.60 10.15 -8.46
C SER D 256 23.91 9.42 -7.31
N ILE D 257 22.88 8.68 -7.65
CA ILE D 257 22.15 7.82 -6.68
C ILE D 257 22.11 6.40 -7.23
N VAL D 258 22.61 5.47 -6.42
CA VAL D 258 22.71 4.04 -6.81
C VAL D 258 21.43 3.32 -6.36
N ALA D 259 20.79 2.61 -7.27
CA ALA D 259 19.55 1.85 -7.01
C ALA D 259 19.76 0.39 -7.42
N SER D 260 20.32 -0.44 -6.54
CA SER D 260 21.00 -1.70 -6.95
C SER D 260 20.81 -2.82 -5.91
N HIS D 261 19.96 -2.64 -4.90
CA HIS D 261 19.78 -3.65 -3.84
C HIS D 261 21.12 -4.00 -3.19
N GLY D 262 21.98 -3.00 -2.95
CA GLY D 262 23.20 -3.17 -2.16
C GLY D 262 24.41 -3.53 -2.99
N TRP D 263 24.27 -3.55 -4.31
CA TRP D 263 25.42 -3.79 -5.23
C TRP D 263 26.13 -2.46 -5.46
N PHE D 264 27.27 -2.28 -4.77
CA PHE D 264 28.01 -1.00 -4.66
C PHE D 264 27.25 -0.01 -3.77
N MET D 265 27.77 0.20 -2.57
CA MET D 265 27.14 1.08 -1.55
C MET D 265 27.89 2.41 -1.55
N ASN D 266 27.26 3.40 -2.16
CA ASN D 266 27.82 4.72 -2.55
C ASN D 266 27.76 5.64 -1.33
#